data_8VVD
#
_entry.id   8VVD
#
_cell.length_a   1.00
_cell.length_b   1.00
_cell.length_c   1.00
_cell.angle_alpha   90.00
_cell.angle_beta   90.00
_cell.angle_gamma   90.00
#
_symmetry.space_group_name_H-M   'P 1'
#
loop_
_entity.id
_entity.type
_entity.pdbx_description
1 polymer 'ATP-dependent DNA/RNA helicase DHX36'
2 polymer 'RNA (27-MER)'
#
loop_
_entity_poly.entity_id
_entity_poly.type
_entity_poly.pdbx_seq_one_letter_code
_entity_poly.pdbx_strand_id
1 'polypeptide(L)'
;GGRGGRGRHPGHLKGREIGLWYAKKQGQKNKEAERQERAVVHMDERREEQIVQLLHSVQTKNDKDEEAQISWFAPEDHGY
GTEAPAENKPNSVKNVEHQAAAMINQEKRPFRIRDKYIDRDSEYLLQENEPDATLDQQLLEDLQKKKTDLRYIEMQRFRE
KLPSYGMQKELVNMIDNHQVTVISGETGCGKTTQVTQFILDNYIERGKGSACRIVCTQPRRISAISVAERVAAERAESCG
NGNSTGYQIRLQSRLPRKQGSILYCTTGIILQWLQSDPHLSSVSHIVLDEIHERNLQSDVLMTVVKDLLSYRPDLKVVLM
SATLNAEKFSEYFGNCPMIHIPGFTFPVVEYLLEDIIEKIRYVPEQKEHRSQFKKGFMQGHVNRQEKEEKEAIYKERWPG
YLRELRQRYSASTVDVVEMMDDEKVDLNLIAALIRYIVLEEEDGAILVFLPGWDNISTLHDLLMSQVMFKSDKFIIIPLH
SLMPTVNQTQVFKRTPPGVRKIVIATNIAETSITIDDVVYVIDGGKIKETHFDTQNNISTMSAEWVSKANAKQRKGRAGR
VQPGHCYHLYNSLRASLLDDYQLPEILRTPLEELCLQIKILRLGGIAHFLSRLMDPPSNEAVLLSIKHLMELNALDKQEE
LTPLGVHLARLPVEPHIGKMILFGALFCCLDPVLTIAASLSFKDPFVIPLGKEKVADARRKELAKDTKSDHLTVVNAFKG
WEKAKQRGFRYEKDYCWEYFLSSNTLQMLHNMKGQFAEHLLGAGFVSSRNPQDPESNINSDNEKIIKAVICAGLYPKVAK
IRLNLGKKRKMVKVYTKTDGVVAIHPKSVNVEQTEFNYNWLIYHLKMRTSSIYLYDCTEVSPYCLLFFGGDISIQKDNDQ
ETIAVDEWIIFQSPARIAHLVKELRKELDILLQEKIESPHPVDWKDTKSRDCAVLSAIIDLIKTQEKATPRNLPPRFQDG
YYSPHHHHHHHH
;
A
2 'polyribonucleotide' AGGGUGGGUAGGGUGGGUUGUUUUUUU B
#
# COMPACT_ATOMS: atom_id res chain seq x y z
N GLY A 15 -14.83 -41.39 -26.95
CA GLY A 15 -13.71 -40.49 -26.78
C GLY A 15 -14.13 -39.10 -26.31
N ARG A 16 -13.35 -38.09 -26.70
CA ARG A 16 -13.64 -36.72 -26.30
C ARG A 16 -14.90 -36.18 -26.96
N GLU A 17 -15.38 -36.81 -28.04
CA GLU A 17 -16.55 -36.32 -28.73
C GLU A 17 -17.80 -36.41 -27.86
N ILE A 18 -17.98 -37.55 -27.18
CA ILE A 18 -19.15 -37.73 -26.31
C ILE A 18 -19.12 -36.72 -25.17
N GLY A 19 -17.95 -36.54 -24.56
CA GLY A 19 -17.82 -35.58 -23.48
C GLY A 19 -18.09 -34.17 -23.92
N LEU A 20 -17.58 -33.80 -25.10
CA LEU A 20 -17.83 -32.46 -25.64
C LEU A 20 -19.30 -32.25 -25.95
N TRP A 21 -19.95 -33.27 -26.51
CA TRP A 21 -21.38 -33.16 -26.81
C TRP A 21 -22.20 -33.01 -25.53
N TYR A 22 -21.84 -33.76 -24.49
CA TYR A 22 -22.52 -33.61 -23.20
C TYR A 22 -22.25 -32.24 -22.59
N ALA A 23 -21.01 -31.75 -22.71
CA ALA A 23 -20.64 -30.48 -22.10
C ALA A 23 -21.35 -29.31 -22.78
N LYS A 24 -21.48 -29.36 -24.10
CA LYS A 24 -22.19 -28.29 -24.81
C LYS A 24 -23.65 -28.22 -24.37
N LYS A 25 -24.30 -29.38 -24.26
CA LYS A 25 -25.69 -29.42 -23.82
C LYS A 25 -25.82 -28.94 -22.37
N GLN A 26 -24.89 -29.34 -21.51
CA GLN A 26 -24.93 -28.88 -20.12
C GLN A 26 -24.76 -27.37 -20.03
N GLY A 27 -23.83 -26.82 -20.82
CA GLY A 27 -23.64 -25.38 -20.83
C GLY A 27 -24.86 -24.64 -21.34
N GLN A 28 -25.50 -25.19 -22.38
CA GLN A 28 -26.73 -24.60 -22.89
C GLN A 28 -27.83 -24.63 -21.85
N LYS A 29 -27.96 -25.75 -21.11
CA LYS A 29 -28.95 -25.82 -20.06
C LYS A 29 -28.67 -24.79 -18.96
N ASN A 30 -27.40 -24.63 -18.59
CA ASN A 30 -27.02 -23.60 -17.65
C ASN A 30 -27.25 -22.20 -18.24
N LYS A 31 -26.92 -22.03 -19.51
CA LYS A 31 -27.16 -20.76 -20.19
C LYS A 31 -28.64 -20.44 -20.26
N GLU A 32 -29.45 -21.44 -20.58
CA GLU A 32 -30.90 -21.26 -20.60
C GLU A 32 -31.48 -21.00 -19.24
N ALA A 33 -30.79 -21.42 -18.18
CA ALA A 33 -31.22 -21.15 -16.82
C ALA A 33 -30.84 -19.76 -16.35
N GLU A 34 -29.92 -19.08 -17.05
CA GLU A 34 -29.60 -17.70 -16.71
C GLU A 34 -30.80 -16.79 -16.92
N ARG A 35 -31.50 -16.97 -18.04
CA ARG A 35 -32.70 -16.18 -18.31
C ARG A 35 -33.89 -16.83 -17.61
N GLN A 36 -33.71 -17.18 -16.34
CA GLN A 36 -34.82 -17.59 -15.49
C GLN A 36 -34.58 -17.16 -14.05
N GLU A 37 -33.45 -16.48 -13.82
CA GLU A 37 -32.99 -16.19 -12.47
C GLU A 37 -32.74 -14.71 -12.23
N ARG A 38 -33.14 -13.85 -13.16
CA ARG A 38 -32.95 -12.42 -12.98
C ARG A 38 -33.85 -11.91 -11.86
N ALA A 39 -33.36 -10.87 -11.18
CA ALA A 39 -34.14 -10.25 -10.13
C ALA A 39 -35.36 -9.54 -10.73
N VAL A 40 -36.39 -9.39 -9.90
CA VAL A 40 -37.62 -8.75 -10.34
C VAL A 40 -37.74 -7.38 -9.68
N VAL A 41 -37.27 -6.35 -10.37
CA VAL A 41 -37.39 -4.98 -9.87
C VAL A 41 -38.85 -4.58 -9.92
N HIS A 42 -39.42 -4.27 -8.76
CA HIS A 42 -40.86 -4.07 -8.65
C HIS A 42 -41.15 -3.15 -7.48
N MET A 43 -41.89 -2.08 -7.74
CA MET A 43 -42.38 -1.18 -6.72
C MET A 43 -43.90 -1.17 -6.74
N ASP A 44 -44.50 -0.87 -5.58
CA ASP A 44 -45.94 -0.93 -5.45
C ASP A 44 -46.60 0.24 -6.18
N GLU A 45 -47.94 0.20 -6.23
CA GLU A 45 -48.69 1.22 -6.95
C GLU A 45 -48.55 2.58 -6.28
N ARG A 46 -48.55 2.63 -4.95
CA ARG A 46 -48.45 3.91 -4.26
C ARG A 46 -47.12 4.58 -4.54
N ARG A 47 -46.03 3.83 -4.52
CA ARG A 47 -44.72 4.40 -4.79
C ARG A 47 -44.62 4.87 -6.25
N GLU A 48 -45.20 4.11 -7.18
CA GLU A 48 -45.20 4.53 -8.57
C GLU A 48 -45.97 5.83 -8.76
N GLU A 49 -47.14 5.94 -8.11
CA GLU A 49 -47.91 7.17 -8.20
C GLU A 49 -47.14 8.35 -7.61
N GLN A 50 -46.50 8.15 -6.46
CA GLN A 50 -45.71 9.23 -5.86
C GLN A 50 -44.56 9.63 -6.76
N ILE A 51 -43.91 8.66 -7.40
CA ILE A 51 -42.83 8.97 -8.33
C ILE A 51 -43.37 9.78 -9.51
N VAL A 52 -44.55 9.43 -9.99
CA VAL A 52 -45.15 10.17 -11.11
C VAL A 52 -45.41 11.62 -10.71
N GLN A 53 -46.00 11.83 -9.53
CA GLN A 53 -46.24 13.20 -9.08
C GLN A 53 -44.95 13.98 -8.92
N LEU A 54 -43.93 13.36 -8.30
CA LEU A 54 -42.68 14.08 -8.09
C LEU A 54 -42.02 14.43 -9.42
N LEU A 55 -42.04 13.49 -10.38
CA LEU A 55 -41.43 13.75 -11.67
C LEU A 55 -42.15 14.89 -12.40
N HIS A 56 -43.49 14.85 -12.41
CA HIS A 56 -44.25 15.89 -13.10
C HIS A 56 -44.02 17.25 -12.45
N SER A 57 -43.97 17.30 -11.12
CA SER A 57 -43.79 18.58 -10.44
C SER A 57 -42.37 19.11 -10.65
N VAL A 58 -41.36 18.26 -10.47
CA VAL A 58 -39.98 18.71 -10.51
C VAL A 58 -39.54 19.06 -11.92
N GLN A 59 -40.03 18.32 -12.93
CA GLN A 59 -39.58 18.56 -14.30
C GLN A 59 -39.85 19.99 -14.74
N THR A 60 -41.02 20.52 -14.42
CA THR A 60 -41.37 21.89 -14.76
C THR A 60 -40.49 22.88 -14.01
N ASN A 129 10.90 33.08 9.06
CA ASN A 129 11.75 33.14 7.88
C ASN A 129 12.65 34.38 7.91
N GLU A 130 12.80 35.02 6.76
CA GLU A 130 13.61 36.22 6.59
C GLU A 130 15.04 36.03 7.12
N PRO A 131 15.65 37.13 7.56
CA PRO A 131 17.06 37.06 7.99
C PRO A 131 17.31 37.77 9.32
N ASP A 132 16.50 37.56 10.35
CA ASP A 132 16.65 38.29 11.61
C ASP A 132 18.04 38.10 12.20
N ALA A 133 18.73 39.22 12.48
CA ALA A 133 20.11 39.15 12.95
C ALA A 133 20.19 38.72 14.41
N THR A 134 19.29 39.21 15.25
CA THR A 134 19.34 38.86 16.67
C THR A 134 19.09 37.37 16.87
N LEU A 135 18.25 36.77 16.03
CA LEU A 135 18.00 35.34 16.12
C LEU A 135 19.27 34.54 15.80
N ASP A 136 19.99 34.97 14.75
CA ASP A 136 21.25 34.31 14.41
C ASP A 136 22.28 34.47 15.52
N GLN A 137 22.34 35.67 16.12
CA GLN A 137 23.27 35.89 17.22
C GLN A 137 22.93 35.00 18.41
N GLN A 138 21.64 34.89 18.73
CA GLN A 138 21.22 34.02 19.82
C GLN A 138 21.54 32.57 19.53
N LEU A 139 21.34 32.13 18.27
CA LEU A 139 21.67 30.76 17.91
C LEU A 139 23.15 30.48 18.05
N LEU A 140 24.00 31.41 17.60
CA LEU A 140 25.44 31.23 17.75
C LEU A 140 25.84 31.19 19.23
N GLU A 141 25.26 32.08 20.03
CA GLU A 141 25.58 32.08 21.46
C GLU A 141 25.14 30.78 22.12
N ASP A 142 23.97 30.26 21.74
CA ASP A 142 23.52 28.99 22.27
C ASP A 142 24.44 27.85 21.86
N LEU A 143 24.88 27.86 20.60
CA LEU A 143 25.79 26.80 20.14
C LEU A 143 27.11 26.84 20.91
N GLN A 144 27.66 28.03 21.13
CA GLN A 144 28.91 28.14 21.87
C GLN A 144 28.74 27.73 23.33
N LYS A 145 27.69 28.24 23.98
CA LYS A 145 27.48 27.94 25.40
C LYS A 145 27.18 26.46 25.61
N LYS A 146 26.40 25.86 24.72
CA LYS A 146 25.99 24.46 24.84
C LYS A 146 27.04 23.48 24.32
N LYS A 147 28.16 23.97 23.77
CA LYS A 147 29.22 23.07 23.36
C LYS A 147 29.87 22.38 24.56
N THR A 148 29.84 23.02 25.72
CA THR A 148 30.47 22.47 26.92
C THR A 148 29.58 21.49 27.67
N ASP A 149 28.36 21.26 27.22
CA ASP A 149 27.47 20.34 27.90
C ASP A 149 28.00 18.91 27.84
N LEU A 150 27.80 18.16 28.93
CA LEU A 150 28.37 16.82 29.04
C LEU A 150 27.69 15.86 28.06
N ARG A 151 26.36 15.93 27.96
CA ARG A 151 25.64 15.04 27.05
C ARG A 151 26.06 15.27 25.61
N TYR A 152 26.25 16.53 25.22
CA TYR A 152 26.71 16.82 23.87
C TYR A 152 28.12 16.28 23.65
N ILE A 153 28.99 16.37 24.66
CA ILE A 153 30.33 15.84 24.52
C ILE A 153 30.28 14.33 24.30
N GLU A 154 29.44 13.64 25.06
CA GLU A 154 29.31 12.19 24.88
C GLU A 154 28.75 11.85 23.51
N MET A 155 27.75 12.61 23.05
CA MET A 155 27.16 12.34 21.74
C MET A 155 28.17 12.54 20.62
N GLN A 156 28.97 13.61 20.70
CA GLN A 156 30.02 13.83 19.72
C GLN A 156 31.09 12.75 19.79
N ARG A 157 31.39 12.25 20.99
CA ARG A 157 32.29 11.11 21.09
C ARG A 157 31.72 9.91 20.36
N PHE A 158 30.40 9.67 20.48
CA PHE A 158 29.77 8.60 19.72
C PHE A 158 29.79 8.89 18.23
N ARG A 159 29.45 10.13 17.84
CA ARG A 159 29.35 10.48 16.44
C ARG A 159 30.70 10.45 15.73
N GLU A 160 31.80 10.64 16.48
CA GLU A 160 33.12 10.64 15.87
C GLU A 160 33.39 9.35 15.10
N LYS A 161 32.84 8.22 15.57
CA LYS A 161 33.10 6.94 14.94
C LYS A 161 32.47 6.84 13.55
N LEU A 162 31.51 7.71 13.24
CA LEU A 162 30.82 7.63 11.97
C LEU A 162 31.74 8.05 10.83
N PRO A 163 31.76 7.32 9.72
CA PRO A 163 32.62 7.72 8.59
C PRO A 163 32.27 9.08 8.01
N SER A 164 31.00 9.48 8.09
CA SER A 164 30.58 10.72 7.46
C SER A 164 31.20 11.94 8.13
N TYR A 165 31.67 11.81 9.36
CA TYR A 165 32.31 12.95 10.03
C TYR A 165 33.63 13.30 9.36
N GLY A 166 34.27 12.32 8.71
CA GLY A 166 35.52 12.59 8.03
C GLY A 166 35.37 13.44 6.79
N MET A 167 34.16 13.58 6.27
CA MET A 167 33.90 14.36 5.07
C MET A 167 33.07 15.60 5.33
N GLN A 168 33.03 16.08 6.58
CA GLN A 168 32.16 17.20 6.93
C GLN A 168 32.54 18.45 6.15
N LYS A 169 33.84 18.80 6.14
CA LYS A 169 34.28 19.97 5.40
C LYS A 169 34.04 19.81 3.90
N GLU A 170 34.30 18.62 3.37
CA GLU A 170 34.02 18.36 1.96
C GLU A 170 32.53 18.43 1.65
N LEU A 171 31.69 17.85 2.51
CA LEU A 171 30.25 17.85 2.26
C LEU A 171 29.69 19.25 2.27
N VAL A 172 30.05 20.05 3.28
CA VAL A 172 29.52 21.39 3.40
C VAL A 172 29.94 22.24 2.21
N ASN A 173 31.21 22.14 1.82
CA ASN A 173 31.70 22.92 0.70
C ASN A 173 31.05 22.48 -0.61
N MET A 174 30.83 21.18 -0.78
CA MET A 174 30.17 20.69 -1.99
C MET A 174 28.73 21.18 -2.06
N ILE A 175 28.03 21.19 -0.93
CA ILE A 175 26.64 21.66 -0.92
C ILE A 175 26.57 23.15 -1.17
N ASP A 176 27.48 23.92 -0.57
CA ASP A 176 27.42 25.37 -0.65
C ASP A 176 27.84 25.90 -2.00
N ASN A 177 28.60 25.13 -2.79
CA ASN A 177 29.11 25.60 -4.07
C ASN A 177 28.32 25.09 -5.27
N HIS A 178 27.26 24.31 -5.05
CA HIS A 178 26.46 23.80 -6.13
C HIS A 178 25.00 23.74 -5.70
N GLN A 179 24.10 23.88 -6.66
CA GLN A 179 22.68 23.85 -6.33
C GLN A 179 22.22 22.44 -5.98
N VAL A 180 22.64 21.44 -6.74
CA VAL A 180 22.24 20.06 -6.55
C VAL A 180 23.49 19.20 -6.34
N THR A 181 23.48 18.40 -5.28
CA THR A 181 24.54 17.44 -5.01
C THR A 181 23.92 16.07 -4.77
N VAL A 182 24.66 15.03 -5.13
CA VAL A 182 24.24 13.65 -4.94
C VAL A 182 25.22 12.97 -4.00
N ILE A 183 24.70 12.39 -2.92
CA ILE A 183 25.50 11.74 -1.90
C ILE A 183 25.19 10.25 -1.91
N SER A 184 26.24 9.44 -2.03
CA SER A 184 26.11 7.99 -2.04
C SER A 184 26.75 7.43 -0.78
N GLY A 185 25.98 6.66 -0.01
CA GLY A 185 26.48 6.11 1.23
C GLY A 185 26.04 4.68 1.47
N GLU A 186 26.97 3.84 1.92
CA GLU A 186 26.66 2.46 2.22
C GLU A 186 25.98 2.37 3.59
N THR A 187 25.75 1.13 4.04
CA THR A 187 25.11 0.93 5.33
C THR A 187 26.05 1.36 6.46
N GLY A 188 25.52 2.13 7.41
CA GLY A 188 26.28 2.58 8.55
C GLY A 188 27.02 3.88 8.36
N CYS A 189 26.98 4.47 7.16
CA CYS A 189 27.65 5.74 6.94
C CYS A 189 26.99 6.86 7.74
N GLY A 190 25.71 6.72 8.05
CA GLY A 190 25.02 7.73 8.84
C GLY A 190 24.75 9.02 8.10
N LYS A 191 24.63 8.98 6.78
CA LYS A 191 24.41 10.20 6.02
C LYS A 191 23.07 10.84 6.36
N THR A 192 22.09 10.04 6.76
CA THR A 192 20.76 10.57 7.05
C THR A 192 20.79 11.52 8.24
N THR A 193 21.50 11.16 9.30
CA THR A 193 21.48 11.90 10.54
C THR A 193 22.65 12.87 10.68
N GLN A 194 23.49 13.01 9.66
CA GLN A 194 24.68 13.84 9.77
C GLN A 194 24.73 14.99 8.78
N VAL A 195 24.34 14.75 7.53
CA VAL A 195 24.47 15.78 6.50
C VAL A 195 23.63 17.00 6.85
N THR A 196 22.39 16.78 7.26
CA THR A 196 21.53 17.89 7.65
C THR A 196 22.10 18.62 8.86
N GLN A 197 22.62 17.86 9.83
CA GLN A 197 23.27 18.49 10.98
C GLN A 197 24.50 19.28 10.55
N PHE A 198 25.27 18.73 9.61
CA PHE A 198 26.43 19.46 9.09
C PHE A 198 26.02 20.81 8.53
N ILE A 199 25.00 20.82 7.66
CA ILE A 199 24.58 22.07 7.03
C ILE A 199 24.07 23.05 8.08
N LEU A 200 23.22 22.58 8.99
CA LEU A 200 22.64 23.48 9.98
C LEU A 200 23.71 24.09 10.88
N ASP A 201 24.63 23.26 11.37
CA ASP A 201 25.69 23.77 12.24
C ASP A 201 26.60 24.74 11.50
N ASN A 202 26.96 24.42 10.25
CA ASN A 202 27.83 25.29 9.49
C ASN A 202 27.17 26.65 9.27
N TYR A 203 25.87 26.66 8.96
CA TYR A 203 25.18 27.94 8.82
C TYR A 203 25.12 28.67 10.15
N ILE A 204 24.94 27.94 11.26
CA ILE A 204 24.77 28.60 12.55
C ILE A 204 26.05 29.28 12.99
N GLU A 205 27.20 28.60 12.86
CA GLU A 205 28.42 29.17 13.41
C GLU A 205 29.00 30.26 12.51
N ARG A 206 28.45 30.45 11.31
CA ARG A 206 28.91 31.49 10.40
C ARG A 206 28.12 32.79 10.55
N GLY A 207 27.20 32.86 11.50
CA GLY A 207 26.44 34.06 11.76
C GLY A 207 25.19 34.23 10.93
N LYS A 208 24.92 33.34 9.99
CA LYS A 208 23.71 33.39 9.18
C LYS A 208 22.85 32.16 9.42
N GLY A 209 22.72 31.77 10.69
CA GLY A 209 21.91 30.62 11.05
C GLY A 209 20.42 30.87 11.09
N SER A 210 19.99 32.11 10.90
CA SER A 210 18.58 32.46 10.87
C SER A 210 17.97 32.36 9.48
N ALA A 211 18.75 31.91 8.49
CA ALA A 211 18.27 31.78 7.12
C ALA A 211 18.37 30.35 6.61
N CYS A 212 18.42 29.37 7.53
CA CYS A 212 18.53 27.96 7.16
C CYS A 212 17.24 27.25 7.53
N ARG A 213 16.65 26.55 6.56
CA ARG A 213 15.42 25.79 6.76
C ARG A 213 15.57 24.49 5.98
N ILE A 214 16.03 23.44 6.64
CA ILE A 214 16.35 22.17 6.00
C ILE A 214 15.16 21.23 6.17
N VAL A 215 14.72 20.65 5.07
CA VAL A 215 13.64 19.66 5.07
C VAL A 215 14.17 18.39 4.45
N CYS A 216 14.15 17.30 5.20
CA CYS A 216 14.61 16.00 4.74
C CYS A 216 13.42 15.05 4.65
N THR A 217 13.25 14.43 3.49
CA THR A 217 12.11 13.57 3.22
C THR A 217 12.49 12.11 3.44
N GLN A 218 11.57 11.35 4.02
CA GLN A 218 11.78 9.94 4.32
C GLN A 218 10.67 9.11 3.69
N PRO A 219 10.97 7.86 3.31
CA PRO A 219 9.94 7.03 2.68
C PRO A 219 9.03 6.29 3.65
N ARG A 220 9.35 6.28 4.94
CA ARG A 220 8.54 5.59 5.93
C ARG A 220 8.31 6.51 7.13
N ARG A 221 7.12 6.39 7.72
CA ARG A 221 6.80 7.20 8.90
C ARG A 221 7.70 6.86 10.07
N ILE A 222 7.89 5.56 10.32
CA ILE A 222 8.73 5.14 11.44
C ILE A 222 10.19 5.54 11.20
N SER A 223 10.64 5.50 9.95
CA SER A 223 12.00 5.95 9.64
C SER A 223 12.16 7.43 9.95
N ALA A 224 11.17 8.25 9.56
CA ALA A 224 11.25 9.67 9.83
C ALA A 224 11.25 9.94 11.34
N ILE A 225 10.38 9.26 12.09
CA ILE A 225 10.33 9.46 13.52
C ILE A 225 11.65 9.07 14.17
N SER A 226 12.18 7.89 13.81
CA SER A 226 13.41 7.42 14.43
C SER A 226 14.58 8.35 14.11
N VAL A 227 14.69 8.80 12.85
CA VAL A 227 15.78 9.69 12.49
C VAL A 227 15.65 11.02 13.21
N ALA A 228 14.43 11.54 13.33
CA ALA A 228 14.23 12.81 14.02
C ALA A 228 14.65 12.72 15.49
N GLU A 229 14.22 11.65 16.19
CA GLU A 229 14.61 11.51 17.59
C GLU A 229 16.11 11.28 17.73
N ARG A 230 16.71 10.51 16.82
CA ARG A 230 18.15 10.28 16.89
C ARG A 230 18.92 11.59 16.72
N VAL A 231 18.52 12.41 15.75
CA VAL A 231 19.22 13.68 15.53
C VAL A 231 19.01 14.61 16.71
N ALA A 232 17.79 14.65 17.26
CA ALA A 232 17.55 15.49 18.42
C ALA A 232 18.38 15.05 19.62
N ALA A 233 18.51 13.73 19.83
CA ALA A 233 19.35 13.24 20.91
C ALA A 233 20.82 13.58 20.68
N GLU A 234 21.28 13.47 19.43
CA GLU A 234 22.66 13.83 19.13
C GLU A 234 22.92 15.31 19.39
N ARG A 235 21.89 16.14 19.24
CA ARG A 235 22.00 17.56 19.52
C ARG A 235 21.68 17.90 20.97
N ALA A 236 21.42 16.89 21.81
CA ALA A 236 21.07 17.08 23.21
C ALA A 236 19.86 18.00 23.36
N GLU A 237 18.85 17.78 22.53
CA GLU A 237 17.62 18.56 22.57
C GLU A 237 16.44 17.62 22.38
N SER A 238 15.29 18.05 22.89
CA SER A 238 14.05 17.30 22.67
C SER A 238 13.56 17.50 21.24
N CYS A 239 12.91 16.47 20.71
CA CYS A 239 12.38 16.55 19.35
C CYS A 239 11.22 17.54 19.31
N GLY A 240 11.22 18.38 18.27
CA GLY A 240 10.17 19.39 18.15
C GLY A 240 10.21 20.35 19.32
N ASN A 241 9.03 20.77 19.76
CA ASN A 241 8.88 21.61 20.95
C ASN A 241 9.63 22.92 20.82
N GLY A 242 9.74 23.45 19.61
CA GLY A 242 10.46 24.69 19.38
C GLY A 242 11.97 24.54 19.30
N ASN A 243 12.49 23.31 19.35
CA ASN A 243 13.93 23.10 19.25
C ASN A 243 14.33 23.06 17.78
N SER A 244 15.58 22.67 17.52
CA SER A 244 16.09 22.71 16.15
C SER A 244 15.49 21.61 15.29
N THR A 245 15.42 20.39 15.80
CA THR A 245 14.99 19.25 15.02
C THR A 245 13.53 18.91 15.30
N GLY A 246 12.86 18.36 14.29
CA GLY A 246 11.48 17.95 14.42
C GLY A 246 11.10 17.07 13.26
N TYR A 247 9.83 16.65 13.26
CA TYR A 247 9.32 15.79 12.20
C TYR A 247 7.84 16.06 12.02
N GLN A 248 7.32 15.66 10.86
CA GLN A 248 5.90 15.80 10.56
C GLN A 248 5.49 14.68 9.62
N ILE A 249 4.62 13.80 10.11
CA ILE A 249 4.01 12.76 9.30
C ILE A 249 2.50 13.00 9.28
N ARG A 250 1.79 12.11 8.61
CA ARG A 250 0.34 12.22 8.55
C ARG A 250 -0.27 12.06 9.93
N LEU A 251 -1.02 13.08 10.35
CA LEU A 251 -1.74 13.07 11.63
C LEU A 251 -0.81 12.95 12.82
N GLN A 252 0.41 13.45 12.70
CA GLN A 252 1.36 13.50 13.81
C GLN A 252 2.48 14.46 13.44
N SER A 253 2.74 15.44 14.29
CA SER A 253 3.73 16.46 13.96
C SER A 253 4.31 17.04 15.24
N ARG A 254 5.63 17.13 15.31
CA ARG A 254 6.34 17.87 16.34
C ARG A 254 7.16 18.94 15.63
N LEU A 255 6.55 20.11 15.43
CA LEU A 255 7.15 21.14 14.60
C LEU A 255 8.36 21.75 15.29
N PRO A 256 9.48 21.93 14.58
CA PRO A 256 10.64 22.61 15.16
C PRO A 256 10.54 24.12 15.07
N ARG A 257 11.63 24.81 15.42
CA ARG A 257 11.73 26.25 15.29
C ARG A 257 11.42 26.68 13.86
N LYS A 258 10.96 27.93 13.73
CA LYS A 258 10.63 28.44 12.39
C LYS A 258 11.86 28.54 11.51
N GLN A 259 12.97 29.04 12.06
CA GLN A 259 14.21 29.21 11.31
C GLN A 259 15.34 28.48 12.02
N GLY A 260 16.35 28.09 11.25
CA GLY A 260 17.46 27.34 11.79
C GLY A 260 17.03 25.99 12.30
N SER A 261 16.24 25.27 11.50
CA SER A 261 15.62 24.04 11.93
C SER A 261 15.76 22.96 10.87
N ILE A 262 15.63 21.71 11.31
CA ILE A 262 15.58 20.54 10.45
C ILE A 262 14.24 19.86 10.64
N LEU A 263 13.55 19.58 9.55
CA LEU A 263 12.26 18.90 9.59
C LEU A 263 12.37 17.60 8.81
N TYR A 264 12.11 16.48 9.48
CA TYR A 264 12.18 15.15 8.88
C TYR A 264 10.75 14.68 8.62
N CYS A 265 10.22 15.02 7.45
CA CYS A 265 8.88 14.65 7.07
C CYS A 265 8.92 13.52 6.05
N THR A 266 7.76 12.96 5.78
CA THR A 266 7.64 12.01 4.67
C THR A 266 7.58 12.78 3.35
N THR A 267 7.77 12.05 2.25
CA THR A 267 7.77 12.69 0.94
C THR A 267 6.39 13.24 0.59
N GLY A 268 5.32 12.58 1.06
CA GLY A 268 3.98 13.03 0.75
C GLY A 268 3.61 14.37 1.37
N ILE A 269 4.28 14.76 2.46
CA ILE A 269 3.99 16.04 3.08
C ILE A 269 4.37 17.19 2.16
N ILE A 270 5.52 17.07 1.48
CA ILE A 270 5.98 18.15 0.62
C ILE A 270 5.03 18.35 -0.55
N LEU A 271 4.49 17.26 -1.09
CA LEU A 271 3.54 17.38 -2.19
C LEU A 271 2.29 18.15 -1.77
N GLN A 272 1.87 17.96 -0.52
CA GLN A 272 0.72 18.72 -0.02
C GLN A 272 1.08 20.19 0.19
N TRP A 273 2.35 20.50 0.42
CA TRP A 273 2.76 21.89 0.56
C TRP A 273 2.64 22.64 -0.75
N LEU A 274 2.93 21.96 -1.87
CA LEU A 274 2.93 22.62 -3.17
C LEU A 274 1.55 23.15 -3.56
N GLN A 275 0.49 22.63 -2.95
CA GLN A 275 -0.86 23.10 -3.26
C GLN A 275 -1.01 24.58 -2.89
N SER A 276 -0.49 24.97 -1.73
CA SER A 276 -0.59 26.35 -1.28
C SER A 276 0.71 27.13 -1.38
N ASP A 277 1.85 26.44 -1.45
CA ASP A 277 3.16 27.08 -1.58
C ASP A 277 3.91 26.38 -2.70
N PRO A 278 3.57 26.69 -3.96
CA PRO A 278 4.19 25.95 -5.08
C PRO A 278 5.69 26.13 -5.17
N HIS A 279 6.24 27.23 -4.66
CA HIS A 279 7.66 27.51 -4.79
C HIS A 279 8.48 27.07 -3.59
N LEU A 280 7.85 26.73 -2.47
CA LEU A 280 8.55 26.43 -1.23
C LEU A 280 9.49 27.56 -0.84
N SER A 281 8.89 28.74 -0.67
CA SER A 281 9.68 29.96 -0.43
C SER A 281 10.44 29.88 0.89
N SER A 282 9.81 29.33 1.94
CA SER A 282 10.45 29.30 3.24
C SER A 282 11.55 28.26 3.34
N VAL A 283 11.59 27.29 2.41
CA VAL A 283 12.58 26.23 2.45
C VAL A 283 13.83 26.68 1.70
N SER A 284 14.97 26.61 2.37
CA SER A 284 16.26 26.94 1.78
C SER A 284 17.03 25.71 1.33
N HIS A 285 17.02 24.64 2.11
CA HIS A 285 17.64 23.38 1.77
C HIS A 285 16.59 22.28 1.81
N ILE A 286 16.58 21.42 0.80
CA ILE A 286 15.71 20.26 0.77
C ILE A 286 16.55 19.03 0.47
N VAL A 287 16.31 17.96 1.22
CA VAL A 287 17.09 16.74 1.13
C VAL A 287 16.14 15.58 0.84
N LEU A 288 16.44 14.82 -0.21
CA LEU A 288 15.67 13.66 -0.59
C LEU A 288 16.45 12.41 -0.20
N ASP A 289 15.92 11.64 0.74
CA ASP A 289 16.61 10.49 1.29
C ASP A 289 16.01 9.19 0.78
N GLU A 290 16.85 8.16 0.70
CA GLU A 290 16.44 6.83 0.26
C GLU A 290 15.80 6.87 -1.12
N ILE A 291 16.38 7.67 -2.02
CA ILE A 291 15.87 7.73 -3.39
C ILE A 291 16.33 6.56 -4.24
N HIS A 292 17.25 5.73 -3.74
CA HIS A 292 17.68 4.56 -4.50
C HIS A 292 16.51 3.60 -4.72
N GLU A 293 15.73 3.35 -3.69
CA GLU A 293 14.45 2.68 -3.88
C GLU A 293 13.43 3.70 -4.38
N ARG A 294 12.75 3.36 -5.47
CA ARG A 294 11.99 4.34 -6.24
C ARG A 294 10.50 4.15 -5.96
N ASN A 295 9.99 4.88 -4.99
CA ASN A 295 8.55 4.96 -4.78
C ASN A 295 7.98 6.14 -5.57
N LEU A 296 6.66 6.14 -5.72
CA LEU A 296 5.99 7.11 -6.58
C LEU A 296 6.20 8.53 -6.07
N GLN A 297 5.99 8.73 -4.76
CA GLN A 297 6.05 10.08 -4.21
C GLN A 297 7.44 10.68 -4.37
N SER A 298 8.47 9.88 -4.17
CA SER A 298 9.84 10.39 -4.29
C SER A 298 10.12 10.83 -5.72
N ASP A 299 9.68 10.04 -6.71
CA ASP A 299 9.90 10.41 -8.10
C ASP A 299 9.14 11.69 -8.46
N VAL A 300 7.89 11.80 -8.01
CA VAL A 300 7.11 13.00 -8.30
C VAL A 300 7.77 14.23 -7.68
N LEU A 301 8.20 14.12 -6.43
CA LEU A 301 8.85 15.24 -5.77
C LEU A 301 10.16 15.60 -6.44
N MET A 302 10.91 14.59 -6.89
CA MET A 302 12.18 14.86 -7.58
C MET A 302 11.93 15.62 -8.88
N THR A 303 10.92 15.21 -9.64
CA THR A 303 10.60 15.93 -10.88
C THR A 303 10.13 17.34 -10.60
N VAL A 304 9.33 17.53 -9.55
CA VAL A 304 8.86 18.86 -9.19
C VAL A 304 10.04 19.75 -8.80
N VAL A 305 10.98 19.23 -8.02
CA VAL A 305 12.14 20.01 -7.63
C VAL A 305 13.00 20.34 -8.85
N LYS A 306 13.14 19.37 -9.77
CA LYS A 306 13.92 19.62 -10.97
C LYS A 306 13.32 20.74 -11.81
N ASP A 307 12.01 20.72 -12.00
CA ASP A 307 11.39 21.77 -12.81
C ASP A 307 11.13 23.05 -12.02
N LEU A 308 11.41 23.05 -10.71
CA LEU A 308 11.23 24.23 -9.87
C LEU A 308 12.54 24.97 -9.63
N LEU A 309 13.69 24.36 -9.91
CA LEU A 309 14.97 24.99 -9.60
C LEU A 309 15.16 26.30 -10.35
N SER A 310 14.67 26.38 -11.58
CA SER A 310 14.82 27.59 -12.36
C SER A 310 14.08 28.78 -11.73
N TYR A 311 12.97 28.50 -11.04
CA TYR A 311 12.24 29.56 -10.36
C TYR A 311 12.90 30.01 -9.08
N ARG A 312 13.61 29.11 -8.39
CA ARG A 312 14.28 29.41 -7.14
C ARG A 312 15.80 29.29 -7.32
N PRO A 313 16.52 30.39 -7.54
CA PRO A 313 17.98 30.31 -7.71
C PRO A 313 18.74 30.08 -6.40
N ASP A 314 18.09 30.25 -5.25
CA ASP A 314 18.78 30.14 -3.96
C ASP A 314 18.50 28.82 -3.24
N LEU A 315 17.56 28.02 -3.72
CA LEU A 315 17.28 26.73 -3.09
C LEU A 315 18.38 25.74 -3.41
N LYS A 316 18.70 24.89 -2.43
CA LYS A 316 19.73 23.87 -2.58
C LYS A 316 19.13 22.49 -2.35
N VAL A 317 19.52 21.53 -3.17
CA VAL A 317 18.94 20.20 -3.17
C VAL A 317 20.04 19.18 -2.91
N VAL A 318 19.76 18.22 -2.03
CA VAL A 318 20.68 17.13 -1.74
C VAL A 318 19.95 15.81 -1.93
N LEU A 319 20.56 14.89 -2.67
CA LEU A 319 19.98 13.58 -2.96
C LEU A 319 20.88 12.50 -2.38
N MET A 320 20.27 11.54 -1.69
CA MET A 320 21.01 10.44 -1.06
C MET A 320 20.64 9.12 -1.70
N SER A 321 21.66 8.34 -2.07
CA SER A 321 21.46 7.04 -2.68
C SER A 321 22.22 5.96 -1.94
N ALA A 322 22.26 4.75 -2.49
CA ALA A 322 22.89 3.60 -1.86
C ALA A 322 24.07 3.10 -2.67
N THR A 323 24.82 4.03 -3.26
CA THR A 323 26.07 3.77 -3.99
C THR A 323 25.91 2.79 -5.14
N LEU A 324 24.69 2.39 -5.47
CA LEU A 324 24.42 1.53 -6.61
C LEU A 324 23.49 2.29 -7.55
N ASN A 325 23.92 2.44 -8.81
CA ASN A 325 23.20 3.25 -9.79
C ASN A 325 22.95 4.66 -9.25
N ALA A 326 23.94 5.20 -8.56
CA ALA A 326 23.87 6.59 -8.09
C ALA A 326 24.25 7.59 -9.17
N GLU A 327 24.83 7.12 -10.28
CA GLU A 327 25.20 8.02 -11.36
C GLU A 327 23.98 8.50 -12.15
N LYS A 328 22.93 7.69 -12.21
CA LYS A 328 21.77 8.05 -13.01
C LYS A 328 21.01 9.23 -12.41
N PHE A 329 21.00 9.35 -11.08
CA PHE A 329 20.38 10.51 -10.46
C PHE A 329 21.16 11.78 -10.77
N SER A 330 22.49 11.70 -10.80
CA SER A 330 23.28 12.84 -11.21
C SER A 330 23.03 13.19 -12.68
N GLU A 331 22.91 12.17 -13.53
CA GLU A 331 22.62 12.41 -14.94
C GLU A 331 21.27 13.08 -15.12
N TYR A 332 20.28 12.67 -14.32
CA TYR A 332 18.94 13.25 -14.43
C TYR A 332 18.94 14.73 -14.06
N PHE A 333 19.85 15.15 -13.18
CA PHE A 333 19.94 16.54 -12.76
C PHE A 333 21.06 17.29 -13.47
N GLY A 334 21.34 16.94 -14.71
CA GLY A 334 22.37 17.62 -15.48
C GLY A 334 23.78 17.42 -14.98
N ASN A 335 24.14 16.20 -14.62
CA ASN A 335 25.51 15.85 -14.20
C ASN A 335 25.96 16.71 -13.01
N CYS A 336 25.14 16.75 -11.97
CA CYS A 336 25.50 17.46 -10.75
C CYS A 336 26.63 16.74 -10.03
N PRO A 337 27.41 17.45 -9.23
CA PRO A 337 28.52 16.81 -8.52
C PRO A 337 28.04 15.71 -7.59
N MET A 338 28.82 14.63 -7.52
CA MET A 338 28.48 13.45 -6.76
C MET A 338 29.58 13.18 -5.74
N ILE A 339 29.18 12.81 -4.52
CA ILE A 339 30.12 12.49 -3.47
C ILE A 339 29.79 11.11 -2.91
N HIS A 340 30.80 10.48 -2.31
CA HIS A 340 30.66 9.12 -1.81
C HIS A 340 31.18 9.05 -0.38
N ILE A 341 30.39 8.46 0.51
CA ILE A 341 30.76 8.24 1.90
C ILE A 341 31.00 6.75 2.09
N PRO A 342 32.22 6.31 2.38
CA PRO A 342 32.45 4.88 2.63
C PRO A 342 31.67 4.39 3.83
N GLY A 343 31.15 3.17 3.74
CA GLY A 343 30.40 2.59 4.82
C GLY A 343 31.29 2.01 5.90
N PHE A 344 30.64 1.54 6.98
CA PHE A 344 31.34 0.93 8.11
C PHE A 344 30.49 -0.27 8.57
N THR A 345 30.80 -1.43 8.03
CA THR A 345 30.13 -2.67 8.40
C THR A 345 31.17 -3.74 8.71
N PHE A 346 30.82 -4.63 9.63
CA PHE A 346 31.66 -5.77 9.91
C PHE A 346 31.72 -6.69 8.69
N PRO A 347 32.80 -7.44 8.51
CA PRO A 347 32.89 -8.34 7.36
C PRO A 347 31.80 -9.39 7.39
N VAL A 348 31.28 -9.71 6.21
CA VAL A 348 30.23 -10.71 6.04
C VAL A 348 30.67 -11.70 4.97
N VAL A 349 30.65 -12.98 5.29
CA VAL A 349 31.02 -14.03 4.34
C VAL A 349 29.78 -14.45 3.57
N GLU A 350 29.88 -14.45 2.24
CA GLU A 350 28.77 -14.76 1.37
C GLU A 350 28.93 -16.16 0.79
N TYR A 351 27.89 -16.97 0.92
CA TYR A 351 27.84 -18.32 0.37
C TYR A 351 26.70 -18.44 -0.61
N LEU A 352 26.89 -19.22 -1.66
CA LEU A 352 25.86 -19.48 -2.64
C LEU A 352 25.25 -20.87 -2.40
N LEU A 353 24.38 -21.30 -3.31
CA LEU A 353 23.70 -22.58 -3.13
C LEU A 353 24.70 -23.74 -3.11
N GLU A 354 25.66 -23.73 -4.03
CA GLU A 354 26.61 -24.82 -4.12
C GLU A 354 27.48 -24.90 -2.87
N ASP A 355 27.87 -23.73 -2.34
CA ASP A 355 28.66 -23.73 -1.10
C ASP A 355 27.86 -24.33 0.06
N ILE A 356 26.57 -24.00 0.15
CA ILE A 356 25.73 -24.57 1.21
C ILE A 356 25.63 -26.08 1.05
N ILE A 357 25.39 -26.54 -0.18
CA ILE A 357 25.25 -27.98 -0.41
C ILE A 357 26.53 -28.71 -0.05
N GLU A 358 27.67 -28.16 -0.46
CA GLU A 358 28.95 -28.81 -0.16
C GLU A 358 29.23 -28.79 1.34
N LYS A 359 28.95 -27.67 2.01
CA LYS A 359 29.32 -27.54 3.41
C LYS A 359 28.46 -28.41 4.31
N ILE A 360 27.13 -28.38 4.10
CA ILE A 360 26.21 -29.05 5.01
C ILE A 360 25.86 -30.47 4.59
N ARG A 361 26.32 -30.91 3.41
CA ARG A 361 26.10 -32.27 2.93
C ARG A 361 24.60 -32.62 2.93
N TYR A 362 23.85 -31.83 2.17
CA TYR A 362 22.40 -31.98 2.11
C TYR A 362 22.04 -32.97 1.01
N VAL A 363 21.27 -33.98 1.38
CA VAL A 363 20.78 -35.00 0.44
C VAL A 363 19.28 -34.84 0.34
N PRO A 364 18.72 -34.69 -0.87
CA PRO A 364 17.26 -34.53 -0.99
C PRO A 364 16.52 -35.73 -0.45
N GLU A 365 15.39 -35.47 0.21
CA GLU A 365 14.57 -36.52 0.79
C GLU A 365 13.53 -37.02 -0.21
N GLN A 366 12.71 -36.13 -0.74
CA GLN A 366 11.73 -36.49 -1.74
C GLN A 366 12.42 -36.88 -3.04
N LYS A 367 11.93 -37.94 -3.68
CA LYS A 367 12.45 -38.40 -4.95
C LYS A 367 11.44 -38.23 -6.09
N GLU A 368 10.43 -37.38 -5.88
CA GLU A 368 9.36 -37.18 -6.86
C GLU A 368 9.61 -35.98 -7.76
N HIS A 369 10.87 -35.65 -8.05
CA HIS A 369 11.21 -34.54 -8.93
C HIS A 369 10.98 -34.96 -10.38
N ARG A 370 9.70 -35.04 -10.74
CA ARG A 370 9.27 -35.43 -12.08
C ARG A 370 7.87 -34.90 -12.30
N ASN A 383 3.95 -12.70 -18.33
CA ASN A 383 5.24 -12.01 -18.31
C ASN A 383 5.83 -11.93 -19.72
N ARG A 384 6.59 -10.87 -19.97
CA ARG A 384 7.23 -10.65 -21.27
C ARG A 384 8.40 -9.70 -21.06
N GLN A 385 8.91 -9.14 -22.17
CA GLN A 385 9.97 -8.14 -22.15
C GLN A 385 11.27 -8.71 -21.60
N GLU A 386 11.90 -7.97 -20.69
CA GLU A 386 13.22 -8.41 -20.13
C GLU A 386 13.11 -9.84 -19.60
N LYS A 387 11.99 -10.20 -18.99
CA LYS A 387 11.90 -11.54 -18.38
C LYS A 387 12.41 -12.56 -19.40
N GLU A 388 11.87 -12.54 -20.61
CA GLU A 388 12.26 -13.56 -21.61
C GLU A 388 13.79 -13.57 -21.75
N GLU A 389 14.43 -12.41 -21.87
CA GLU A 389 15.89 -12.42 -22.08
C GLU A 389 16.55 -13.13 -20.91
N LYS A 390 16.52 -12.55 -19.70
CA LYS A 390 17.23 -13.19 -18.57
C LYS A 390 16.90 -14.67 -18.62
N GLU A 391 15.62 -14.98 -18.52
CA GLU A 391 15.20 -16.40 -18.56
C GLU A 391 15.90 -17.08 -19.72
N ALA A 392 16.11 -16.39 -20.84
CA ALA A 392 16.72 -17.11 -21.99
C ALA A 392 18.22 -17.29 -21.77
N ILE A 393 18.97 -16.20 -21.57
CA ILE A 393 20.44 -16.42 -21.43
C ILE A 393 20.66 -17.53 -20.40
N TYR A 394 19.84 -17.58 -19.35
CA TYR A 394 20.04 -18.59 -18.28
C TYR A 394 20.09 -19.89 -18.96
N LYS A 395 19.15 -20.13 -19.85
CA LYS A 395 19.09 -21.46 -20.49
C LYS A 395 19.84 -21.40 -21.81
N GLU A 396 20.84 -20.52 -21.91
CA GLU A 396 21.71 -20.53 -23.11
C GLU A 396 23.10 -20.78 -22.58
N ARG A 397 23.26 -20.70 -21.27
CA ARG A 397 24.57 -21.00 -20.64
C ARG A 397 24.38 -22.13 -19.63
N TRP A 398 23.12 -22.51 -19.35
CA TRP A 398 22.91 -23.52 -18.33
C TRP A 398 23.84 -24.72 -18.47
N PRO A 399 24.00 -25.33 -19.66
CA PRO A 399 25.01 -26.39 -19.78
C PRO A 399 26.42 -25.87 -19.55
N GLY A 400 26.76 -24.74 -20.19
CA GLY A 400 28.11 -24.23 -20.10
C GLY A 400 28.53 -23.92 -18.67
N TYR A 401 27.60 -23.40 -17.87
CA TYR A 401 27.93 -23.10 -16.48
C TYR A 401 28.12 -24.38 -15.67
N LEU A 402 27.42 -25.45 -16.06
CA LEU A 402 27.35 -26.63 -15.19
C LEU A 402 28.68 -27.34 -15.08
N ARG A 403 29.40 -27.53 -16.19
CA ARG A 403 30.64 -28.30 -16.09
C ARG A 403 31.70 -27.59 -15.27
N GLU A 404 31.54 -26.31 -14.98
CA GLU A 404 32.49 -25.62 -14.11
C GLU A 404 32.37 -26.06 -12.66
N LEU A 405 31.26 -26.69 -12.28
CA LEU A 405 31.09 -27.19 -10.92
C LEU A 405 31.58 -28.62 -10.73
N ARG A 406 31.89 -29.34 -11.82
CA ARG A 406 32.30 -30.73 -11.73
C ARG A 406 33.80 -30.89 -11.46
N GLN A 407 34.55 -29.80 -11.40
CA GLN A 407 35.97 -29.85 -11.11
C GLN A 407 36.30 -29.40 -9.71
N ARG A 408 35.88 -28.21 -9.32
CA ARG A 408 36.23 -27.67 -8.01
C ARG A 408 35.45 -28.36 -6.90
N TYR A 409 34.17 -28.66 -7.13
CA TYR A 409 33.29 -29.18 -6.10
C TYR A 409 33.15 -30.69 -6.25
N SER A 410 32.24 -31.28 -5.49
CA SER A 410 31.99 -32.71 -5.55
C SER A 410 30.84 -33.02 -6.51
N ALA A 411 30.62 -34.32 -6.74
CA ALA A 411 29.55 -34.74 -7.65
C ALA A 411 28.17 -34.55 -7.01
N SER A 412 28.08 -34.74 -5.70
CA SER A 412 26.79 -34.62 -5.02
C SER A 412 26.24 -33.20 -5.15
N THR A 413 27.12 -32.19 -5.05
CA THR A 413 26.68 -30.81 -5.19
C THR A 413 26.10 -30.57 -6.58
N VAL A 414 26.76 -31.08 -7.62
CA VAL A 414 26.27 -30.91 -8.99
C VAL A 414 24.93 -31.62 -9.16
N ASP A 415 24.80 -32.83 -8.59
CA ASP A 415 23.54 -33.55 -8.69
C ASP A 415 22.41 -32.77 -8.05
N VAL A 416 22.65 -32.24 -6.85
CA VAL A 416 21.60 -31.49 -6.15
C VAL A 416 21.26 -30.22 -6.91
N VAL A 417 22.27 -29.54 -7.46
CA VAL A 417 22.00 -28.34 -8.25
C VAL A 417 21.16 -28.68 -9.47
N GLU A 418 21.48 -29.79 -10.13
CA GLU A 418 20.70 -30.22 -11.29
C GLU A 418 19.25 -30.48 -10.91
N MET A 419 19.03 -31.26 -9.85
CA MET A 419 17.66 -31.55 -9.44
C MET A 419 16.94 -30.34 -8.85
N MET A 420 17.65 -29.26 -8.56
CA MET A 420 17.02 -28.07 -8.01
C MET A 420 16.07 -27.45 -9.03
N ASP A 421 14.92 -26.96 -8.55
CA ASP A 421 13.91 -26.39 -9.41
C ASP A 421 13.55 -24.99 -8.94
N ASP A 422 13.29 -24.10 -9.90
CA ASP A 422 12.89 -22.73 -9.61
C ASP A 422 11.40 -22.70 -9.29
N GLU A 423 10.82 -21.50 -9.28
CA GLU A 423 9.41 -21.27 -9.00
C GLU A 423 9.00 -21.69 -7.60
N LYS A 424 9.97 -22.03 -6.75
CA LYS A 424 9.69 -22.45 -5.39
C LYS A 424 10.93 -22.22 -4.55
N VAL A 425 10.75 -22.25 -3.23
CA VAL A 425 11.84 -22.15 -2.27
C VAL A 425 11.97 -23.51 -1.60
N ASP A 426 13.14 -24.13 -1.75
CA ASP A 426 13.38 -25.44 -1.15
C ASP A 426 13.55 -25.26 0.35
N LEU A 427 12.46 -25.50 1.09
CA LEU A 427 12.49 -25.33 2.54
C LEU A 427 13.18 -26.49 3.25
N ASN A 428 13.30 -27.64 2.60
CA ASN A 428 14.10 -28.72 3.17
C ASN A 428 15.56 -28.30 3.26
N LEU A 429 16.06 -27.61 2.23
CA LEU A 429 17.43 -27.09 2.28
C LEU A 429 17.59 -26.07 3.40
N ILE A 430 16.59 -25.21 3.59
CA ILE A 430 16.64 -24.23 4.67
C ILE A 430 16.68 -24.94 6.02
N ALA A 431 15.85 -25.98 6.19
CA ALA A 431 15.84 -26.70 7.45
C ALA A 431 17.17 -27.38 7.71
N ALA A 432 17.75 -28.00 6.69
CA ALA A 432 19.05 -28.64 6.86
C ALA A 432 20.13 -27.63 7.21
N LEU A 433 20.12 -26.47 6.55
CA LEU A 433 21.10 -25.44 6.85
C LEU A 433 20.95 -24.91 8.27
N ILE A 434 19.70 -24.71 8.70
CA ILE A 434 19.46 -24.25 10.07
C ILE A 434 19.94 -25.27 11.08
N ARG A 435 19.69 -26.55 10.80
CA ARG A 435 20.17 -27.60 11.69
C ARG A 435 21.69 -27.62 11.76
N TYR A 436 22.35 -27.45 10.61
CA TYR A 436 23.81 -27.37 10.60
C TYR A 436 24.31 -26.20 11.45
N ILE A 437 23.69 -25.03 11.29
CA ILE A 437 24.14 -23.86 12.03
C ILE A 437 23.95 -24.07 13.53
N VAL A 438 22.78 -24.59 13.93
CA VAL A 438 22.55 -24.80 15.36
C VAL A 438 23.40 -25.93 15.92
N LEU A 439 23.90 -26.84 15.07
CA LEU A 439 24.78 -27.89 15.58
C LEU A 439 26.20 -27.38 15.78
N GLU A 440 26.89 -26.99 14.70
CA GLU A 440 28.29 -26.61 14.86
C GLU A 440 28.58 -25.26 14.19
N GLU A 441 27.78 -24.25 14.54
CA GLU A 441 28.15 -22.85 14.34
C GLU A 441 28.00 -22.12 15.66
N GLU A 442 28.72 -21.00 15.79
CA GLU A 442 28.75 -20.27 17.05
C GLU A 442 27.41 -19.58 17.31
N ASP A 443 27.32 -18.95 18.48
CA ASP A 443 26.08 -18.32 18.89
C ASP A 443 25.75 -17.12 18.00
N GLY A 444 24.48 -16.99 17.65
CA GLY A 444 24.03 -15.89 16.81
C GLY A 444 22.63 -16.11 16.27
N ALA A 445 21.86 -15.04 16.15
CA ALA A 445 20.50 -15.14 15.65
C ALA A 445 20.48 -15.46 14.15
N ILE A 446 19.47 -16.21 13.74
CA ILE A 446 19.30 -16.61 12.35
C ILE A 446 18.08 -15.89 11.78
N LEU A 447 18.25 -15.26 10.63
CA LEU A 447 17.18 -14.53 9.96
C LEU A 447 16.99 -15.12 8.57
N VAL A 448 15.82 -15.70 8.32
CA VAL A 448 15.50 -16.33 7.04
C VAL A 448 14.52 -15.44 6.30
N PHE A 449 14.82 -15.15 5.04
CA PHE A 449 13.99 -14.29 4.21
C PHE A 449 13.20 -15.17 3.24
N LEU A 450 11.87 -15.08 3.31
CA LEU A 450 10.96 -15.90 2.53
C LEU A 450 9.96 -15.01 1.81
N PRO A 451 9.46 -15.44 0.65
CA PRO A 451 8.62 -14.54 -0.17
C PRO A 451 7.23 -14.30 0.40
N GLY A 452 6.55 -15.35 0.84
CA GLY A 452 5.15 -15.25 1.22
C GLY A 452 4.87 -15.89 2.56
N TRP A 453 3.60 -15.82 2.96
CA TRP A 453 3.19 -16.35 4.26
C TRP A 453 3.05 -17.86 4.25
N ASP A 454 2.69 -18.46 3.10
CA ASP A 454 2.61 -19.91 3.04
C ASP A 454 3.98 -20.54 3.26
N ASN A 455 5.02 -19.96 2.66
CA ASN A 455 6.38 -20.44 2.88
C ASN A 455 6.77 -20.33 4.35
N ILE A 456 6.43 -19.20 4.98
CA ILE A 456 6.74 -19.02 6.40
C ILE A 456 6.04 -20.09 7.22
N SER A 457 4.76 -20.34 6.93
CA SER A 457 4.00 -21.32 7.71
C SER A 457 4.57 -22.72 7.56
N THR A 458 4.88 -23.13 6.32
CA THR A 458 5.39 -24.48 6.14
C THR A 458 6.79 -24.63 6.71
N LEU A 459 7.63 -23.59 6.62
CA LEU A 459 8.95 -23.67 7.23
C LEU A 459 8.85 -23.76 8.75
N HIS A 460 7.95 -22.99 9.36
CA HIS A 460 7.76 -23.04 10.79
C HIS A 460 7.26 -24.41 11.23
N ASP A 461 6.32 -24.99 10.48
CA ASP A 461 5.84 -26.33 10.80
C ASP A 461 6.96 -27.36 10.65
N LEU A 462 7.77 -27.25 9.60
CA LEU A 462 8.88 -28.17 9.43
C LEU A 462 9.88 -28.04 10.57
N LEU A 463 10.12 -26.83 11.04
CA LEU A 463 11.10 -26.61 12.10
C LEU A 463 10.60 -27.18 13.42
N MET A 464 9.35 -26.88 13.81
CA MET A 464 8.86 -27.36 15.10
C MET A 464 8.35 -28.80 15.05
N SER A 465 8.27 -29.41 13.87
CA SER A 465 7.93 -30.84 13.82
C SER A 465 9.06 -31.69 14.36
N GLN A 466 10.30 -31.24 14.22
CA GLN A 466 11.44 -31.96 14.76
C GLN A 466 11.50 -31.83 16.28
N VAL A 467 12.14 -32.82 16.90
CA VAL A 467 12.15 -32.89 18.36
C VAL A 467 12.96 -31.76 18.97
N MET A 468 14.07 -31.39 18.33
CA MET A 468 15.03 -30.50 18.97
C MET A 468 14.53 -29.06 19.03
N PHE A 469 13.71 -28.63 18.08
CA PHE A 469 13.29 -27.24 18.03
C PHE A 469 12.06 -26.95 18.90
N LYS A 470 11.43 -27.98 19.46
CA LYS A 470 10.27 -27.80 20.30
C LYS A 470 10.62 -27.52 21.76
N SER A 471 11.91 -27.50 22.10
CA SER A 471 12.34 -27.32 23.48
C SER A 471 12.43 -25.83 23.81
N ASP A 472 13.03 -25.51 24.95
CA ASP A 472 13.21 -24.13 25.38
C ASP A 472 14.57 -23.56 24.97
N LYS A 473 15.38 -24.32 24.24
CA LYS A 473 16.67 -23.84 23.77
C LYS A 473 16.61 -23.19 22.41
N PHE A 474 15.42 -23.08 21.80
CA PHE A 474 15.25 -22.41 20.53
C PHE A 474 13.98 -21.59 20.56
N ILE A 475 14.05 -20.39 19.98
CA ILE A 475 12.90 -19.51 19.84
C ILE A 475 12.70 -19.20 18.36
N ILE A 476 11.52 -19.49 17.85
CA ILE A 476 11.20 -19.27 16.44
C ILE A 476 10.11 -18.22 16.37
N ILE A 477 10.42 -17.11 15.72
CA ILE A 477 9.51 -15.97 15.59
C ILE A 477 9.27 -15.72 14.11
N PRO A 478 8.05 -15.87 13.61
CA PRO A 478 7.76 -15.49 12.23
C PRO A 478 7.44 -14.00 12.10
N LEU A 479 8.03 -13.34 11.10
CA LEU A 479 7.83 -11.91 10.91
C LEU A 479 7.06 -11.67 9.62
N HIS A 480 5.96 -10.94 9.73
CA HIS A 480 5.05 -10.68 8.62
C HIS A 480 4.12 -9.56 9.04
N SER A 481 3.78 -8.68 8.09
CA SER A 481 2.98 -7.51 8.43
C SER A 481 1.57 -7.87 8.88
N LEU A 482 1.12 -9.08 8.61
CA LEU A 482 -0.22 -9.52 8.98
C LEU A 482 -0.26 -10.27 10.31
N MET A 483 0.87 -10.41 10.99
CA MET A 483 0.90 -11.06 12.29
C MET A 483 0.82 -10.03 13.41
N PRO A 484 0.33 -10.41 14.59
CA PRO A 484 0.14 -9.44 15.67
C PRO A 484 1.46 -8.86 16.14
N THR A 485 1.39 -7.62 16.65
CA THR A 485 2.58 -6.90 17.05
C THR A 485 3.30 -7.54 18.23
N VAL A 486 2.67 -8.49 18.93
CA VAL A 486 3.32 -9.14 20.07
C VAL A 486 4.56 -9.90 19.63
N ASN A 487 4.61 -10.34 18.37
CA ASN A 487 5.81 -10.97 17.85
C ASN A 487 6.80 -9.96 17.31
N GLN A 488 6.33 -8.80 16.87
CA GLN A 488 7.23 -7.73 16.46
C GLN A 488 7.98 -7.11 17.64
N THR A 489 7.37 -7.06 18.82
CA THR A 489 8.06 -6.54 19.99
C THR A 489 8.87 -7.59 20.72
N GLN A 490 8.71 -8.86 20.38
CA GLN A 490 9.45 -9.95 21.01
C GLN A 490 10.68 -10.37 20.21
N VAL A 491 10.98 -9.67 19.11
CA VAL A 491 12.11 -10.05 18.26
C VAL A 491 13.37 -9.25 18.56
N PHE A 492 13.25 -8.07 19.17
CA PHE A 492 14.42 -7.25 19.47
C PHE A 492 15.13 -7.67 20.75
N LYS A 493 14.43 -8.32 21.67
CA LYS A 493 15.02 -8.67 22.96
C LYS A 493 16.19 -9.63 22.78
N ARG A 494 17.31 -9.32 23.44
CA ARG A 494 18.48 -10.17 23.34
C ARG A 494 18.22 -11.51 24.00
N THR A 495 18.90 -12.53 23.52
CA THR A 495 18.65 -13.86 24.03
C THR A 495 19.84 -14.37 24.85
N PRO A 496 19.59 -15.27 25.80
CA PRO A 496 20.70 -15.86 26.54
C PRO A 496 21.62 -16.62 25.61
N PRO A 497 22.91 -16.72 25.95
CA PRO A 497 23.87 -17.30 25.00
C PRO A 497 23.62 -18.76 24.67
N GLY A 498 23.00 -19.51 25.58
CA GLY A 498 22.73 -20.91 25.29
C GLY A 498 21.70 -21.10 24.19
N VAL A 499 20.64 -20.31 24.21
CA VAL A 499 19.54 -20.45 23.25
C VAL A 499 19.89 -19.78 21.94
N ARG A 500 19.14 -20.07 20.89
CA ARG A 500 19.30 -19.44 19.60
C ARG A 500 17.94 -18.97 19.09
N LYS A 501 17.93 -17.82 18.44
CA LYS A 501 16.71 -17.19 17.95
C LYS A 501 16.66 -17.30 16.43
N ILE A 502 15.59 -17.90 15.92
CA ILE A 502 15.40 -18.08 14.48
C ILE A 502 14.20 -17.25 14.07
N VAL A 503 14.39 -16.36 13.11
CA VAL A 503 13.34 -15.46 12.64
C VAL A 503 13.09 -15.76 11.16
N ILE A 504 11.85 -16.08 10.84
CA ILE A 504 11.43 -16.35 9.46
C ILE A 504 10.59 -15.16 9.01
N ALA A 505 11.08 -14.42 8.03
CA ALA A 505 10.51 -13.12 7.71
C ALA A 505 10.36 -12.94 6.21
N THR A 506 9.42 -12.07 5.85
CA THR A 506 9.33 -11.52 4.49
C THR A 506 10.29 -10.34 4.39
N ASN A 507 10.14 -9.54 3.33
CA ASN A 507 11.02 -8.38 3.20
C ASN A 507 10.71 -7.27 4.20
N ILE A 508 9.80 -7.45 5.14
CA ILE A 508 9.57 -6.43 6.17
C ILE A 508 10.81 -6.28 7.04
N ALA A 509 11.43 -7.39 7.42
CA ALA A 509 12.64 -7.35 8.22
C ALA A 509 13.83 -6.79 7.44
N GLU A 510 13.73 -6.66 6.13
CA GLU A 510 14.83 -6.10 5.35
C GLU A 510 14.92 -4.59 5.52
N THR A 511 13.77 -3.91 5.57
CA THR A 511 13.74 -2.45 5.64
C THR A 511 13.14 -1.94 6.94
N SER A 512 11.90 -2.35 7.26
CA SER A 512 11.21 -1.76 8.41
C SER A 512 11.79 -2.26 9.73
N ILE A 513 11.74 -3.57 9.96
CA ILE A 513 12.23 -4.13 11.21
C ILE A 513 13.75 -4.23 11.14
N THR A 514 14.42 -3.72 12.17
CA THR A 514 15.87 -3.78 12.29
C THR A 514 16.20 -4.50 13.58
N ILE A 515 16.56 -5.79 13.47
CA ILE A 515 16.85 -6.59 14.65
C ILE A 515 18.15 -6.13 15.30
N ASP A 516 19.16 -5.82 14.48
CA ASP A 516 20.47 -5.38 14.96
C ASP A 516 21.15 -6.43 15.84
N ASP A 517 20.74 -7.69 15.68
CA ASP A 517 21.32 -8.79 16.44
C ASP A 517 21.64 -10.01 15.58
N VAL A 518 21.15 -10.09 14.35
CA VAL A 518 21.29 -11.29 13.55
C VAL A 518 22.74 -11.45 13.10
N VAL A 519 23.27 -12.65 13.25
CA VAL A 519 24.59 -12.99 12.76
C VAL A 519 24.51 -13.81 11.47
N TYR A 520 23.61 -14.78 11.41
CA TYR A 520 23.47 -15.66 10.26
C TYR A 520 22.23 -15.27 9.47
N VAL A 521 22.40 -15.05 8.18
CA VAL A 521 21.30 -14.67 7.28
C VAL A 521 21.20 -15.71 6.19
N ILE A 522 19.99 -16.26 6.01
CA ILE A 522 19.67 -17.14 4.91
C ILE A 522 18.71 -16.40 4.00
N ASP A 523 19.08 -16.26 2.73
CA ASP A 523 18.32 -15.44 1.80
C ASP A 523 17.78 -16.33 0.68
N GLY A 524 16.52 -16.75 0.82
CA GLY A 524 15.81 -17.32 -0.30
C GLY A 524 15.62 -16.25 -1.36
N GLY A 525 16.06 -16.51 -2.58
CA GLY A 525 16.14 -15.46 -3.58
C GLY A 525 14.81 -15.09 -4.22
N LYS A 526 13.72 -15.22 -3.47
CA LYS A 526 12.38 -14.94 -3.99
C LYS A 526 11.78 -13.76 -3.25
N ILE A 527 11.19 -12.83 -4.01
CA ILE A 527 10.45 -11.71 -3.45
C ILE A 527 9.19 -11.52 -4.29
N LYS A 528 8.09 -11.18 -3.63
CA LYS A 528 6.80 -11.02 -4.30
C LYS A 528 6.68 -9.58 -4.79
N GLU A 529 6.44 -9.43 -6.10
CA GLU A 529 6.30 -8.12 -6.71
C GLU A 529 5.00 -8.06 -7.48
N THR A 530 4.44 -6.86 -7.60
CA THR A 530 3.16 -6.64 -8.26
C THR A 530 3.36 -5.77 -9.49
N HIS A 531 2.83 -6.23 -10.62
CA HIS A 531 2.86 -5.51 -11.88
C HIS A 531 1.43 -5.25 -12.34
N PHE A 532 1.17 -4.04 -12.81
CA PHE A 532 -0.15 -3.65 -13.30
C PHE A 532 -0.18 -3.87 -14.80
N ASP A 533 -1.02 -4.81 -15.25
CA ASP A 533 -1.20 -5.05 -16.67
C ASP A 533 -2.24 -4.08 -17.20
N THR A 534 -1.78 -3.03 -17.90
CA THR A 534 -2.70 -2.02 -18.40
C THR A 534 -3.59 -2.57 -19.51
N GLN A 535 -3.12 -3.58 -20.23
CA GLN A 535 -3.94 -4.17 -21.30
C GLN A 535 -5.22 -4.77 -20.75
N ASN A 536 -5.13 -5.53 -19.67
CA ASN A 536 -6.28 -6.15 -19.05
C ASN A 536 -6.80 -5.39 -17.85
N ASN A 537 -6.20 -4.25 -17.51
CA ASN A 537 -6.60 -3.43 -16.37
C ASN A 537 -6.61 -4.27 -15.09
N ILE A 538 -5.59 -5.11 -14.93
CA ILE A 538 -5.49 -6.05 -13.83
C ILE A 538 -4.13 -5.90 -13.16
N SER A 539 -4.11 -6.18 -11.86
CA SER A 539 -2.89 -6.17 -11.06
C SER A 539 -2.55 -7.61 -10.69
N THR A 540 -1.29 -7.99 -10.91
CA THR A 540 -0.85 -9.37 -10.72
C THR A 540 0.30 -9.42 -9.72
N MET A 541 0.25 -10.41 -8.83
CA MET A 541 1.37 -10.72 -7.95
C MET A 541 2.02 -12.03 -8.36
N SER A 542 3.35 -12.06 -8.28
CA SER A 542 4.11 -13.25 -8.58
C SER A 542 5.40 -13.22 -7.77
N ALA A 543 5.94 -14.39 -7.48
CA ALA A 543 7.19 -14.52 -6.75
C ALA A 543 8.33 -14.50 -7.76
N GLU A 544 9.02 -13.38 -7.86
CA GLU A 544 10.14 -13.23 -8.78
C GLU A 544 11.46 -13.26 -8.02
N TRP A 545 12.55 -13.40 -8.78
CA TRP A 545 13.87 -13.43 -8.18
C TRP A 545 14.21 -12.08 -7.56
N VAL A 546 14.90 -12.11 -6.43
CA VAL A 546 15.23 -10.89 -5.72
C VAL A 546 16.24 -10.09 -6.52
N SER A 547 16.25 -8.78 -6.29
CA SER A 547 17.11 -7.89 -7.06
C SER A 547 18.51 -7.80 -6.44
N LYS A 548 19.44 -7.22 -7.21
CA LYS A 548 20.79 -7.02 -6.70
C LYS A 548 20.81 -6.10 -5.50
N ALA A 549 20.05 -5.01 -5.56
CA ALA A 549 19.98 -4.09 -4.42
C ALA A 549 19.35 -4.77 -3.21
N ASN A 550 18.30 -5.55 -3.43
CA ASN A 550 17.68 -6.27 -2.34
C ASN A 550 18.63 -7.30 -1.75
N ALA A 551 19.39 -7.99 -2.59
CA ALA A 551 20.36 -8.96 -2.10
C ALA A 551 21.45 -8.26 -1.28
N LYS A 552 21.92 -7.10 -1.75
CA LYS A 552 22.92 -6.36 -1.00
C LYS A 552 22.37 -5.89 0.34
N GLN A 553 21.12 -5.44 0.37
CA GLN A 553 20.52 -5.01 1.63
C GLN A 553 20.37 -6.18 2.59
N ARG A 554 19.94 -7.34 2.08
CA ARG A 554 19.83 -8.53 2.93
C ARG A 554 21.19 -8.94 3.48
N LYS A 555 22.22 -8.89 2.64
CA LYS A 555 23.56 -9.21 3.10
C LYS A 555 24.03 -8.23 4.18
N GLY A 556 23.73 -6.95 3.99
CA GLY A 556 24.08 -5.95 4.98
C GLY A 556 23.23 -5.99 6.23
N ARG A 557 22.12 -6.72 6.22
CA ARG A 557 21.34 -6.89 7.43
C ARG A 557 22.15 -7.60 8.51
N ALA A 558 22.91 -8.62 8.11
CA ALA A 558 23.87 -9.23 9.02
C ALA A 558 25.15 -8.40 9.05
N GLY A 559 26.04 -8.75 9.98
CA GLY A 559 27.27 -8.00 10.12
C GLY A 559 27.08 -6.58 10.61
N ARG A 560 26.23 -6.37 11.61
CA ARG A 560 26.03 -5.06 12.21
C ARG A 560 26.81 -4.90 13.51
N VAL A 561 26.71 -5.86 14.42
CA VAL A 561 27.42 -5.80 15.68
C VAL A 561 28.59 -6.77 15.75
N GLN A 562 28.65 -7.77 14.86
CA GLN A 562 29.74 -8.72 14.84
C GLN A 562 29.80 -9.35 13.45
N PRO A 563 30.93 -9.94 13.07
CA PRO A 563 31.01 -10.59 11.76
C PRO A 563 29.93 -11.65 11.60
N GLY A 564 29.32 -11.70 10.42
CA GLY A 564 28.20 -12.57 10.17
C GLY A 564 28.34 -13.30 8.85
N HIS A 565 27.38 -14.20 8.61
CA HIS A 565 27.34 -15.02 7.41
C HIS A 565 26.07 -14.71 6.64
N CYS A 566 26.15 -14.84 5.31
CA CYS A 566 25.01 -14.63 4.43
C CYS A 566 24.96 -15.79 3.44
N TYR A 567 23.94 -16.63 3.57
CA TYR A 567 23.74 -17.77 2.68
C TYR A 567 22.68 -17.40 1.65
N HIS A 568 23.03 -17.51 0.38
CA HIS A 568 22.14 -17.15 -0.72
C HIS A 568 21.64 -18.43 -1.39
N LEU A 569 20.32 -18.54 -1.53
CA LEU A 569 19.70 -19.72 -2.12
C LEU A 569 19.54 -19.58 -3.63
N TYR A 570 20.63 -19.25 -4.31
CA TYR A 570 20.65 -19.23 -5.77
C TYR A 570 22.09 -19.41 -6.22
N ASN A 571 22.27 -20.12 -7.34
CA ASN A 571 23.60 -20.42 -7.82
C ASN A 571 24.28 -19.16 -8.36
N SER A 572 25.57 -19.28 -8.66
CA SER A 572 26.35 -18.14 -9.14
C SER A 572 25.81 -17.62 -10.46
N LEU A 573 25.30 -18.50 -11.31
CA LEU A 573 24.76 -18.06 -12.60
C LEU A 573 23.53 -17.18 -12.40
N ARG A 574 22.65 -17.56 -11.46
CA ARG A 574 21.51 -16.71 -11.15
C ARG A 574 21.94 -15.40 -10.51
N ALA A 575 22.95 -15.43 -9.65
CA ALA A 575 23.42 -14.21 -9.02
C ALA A 575 23.97 -13.23 -10.05
N SER A 576 24.74 -13.73 -11.02
CA SER A 576 25.29 -12.85 -12.04
C SER A 576 24.24 -12.41 -13.04
N LEU A 577 23.15 -13.16 -13.18
CA LEU A 577 22.07 -12.85 -14.13
C LEU A 577 20.90 -12.17 -13.44
N LEU A 578 21.15 -11.33 -12.45
CA LEU A 578 20.10 -10.79 -11.61
C LEU A 578 19.93 -9.31 -11.86
N ASP A 579 18.69 -8.83 -11.73
CA ASP A 579 18.37 -7.44 -12.03
C ASP A 579 19.04 -6.50 -11.03
N ASP A 580 19.57 -5.40 -11.55
CA ASP A 580 20.29 -4.45 -10.71
C ASP A 580 19.36 -3.79 -9.70
N TYR A 581 18.16 -3.40 -10.14
CA TYR A 581 17.19 -2.75 -9.26
C TYR A 581 15.80 -3.24 -9.61
N GLN A 582 14.92 -3.20 -8.60
CA GLN A 582 13.53 -3.53 -8.84
C GLN A 582 12.86 -2.44 -9.68
N LEU A 583 11.88 -2.84 -10.47
CA LEU A 583 11.16 -1.88 -11.30
C LEU A 583 10.43 -0.88 -10.41
N PRO A 584 10.56 0.42 -10.67
CA PRO A 584 9.88 1.41 -9.83
C PRO A 584 8.36 1.27 -9.93
N GLU A 585 7.68 1.60 -8.84
CA GLU A 585 6.23 1.47 -8.80
C GLU A 585 5.54 2.48 -9.70
N ILE A 586 6.26 3.48 -10.22
CA ILE A 586 5.71 4.34 -11.25
C ILE A 586 5.37 3.55 -12.51
N LEU A 587 6.04 2.42 -12.72
CA LEU A 587 5.77 1.54 -13.84
C LEU A 587 4.98 0.31 -13.43
N ARG A 588 4.48 0.26 -12.19
CA ARG A 588 3.78 -0.90 -11.69
C ARG A 588 2.45 -0.59 -11.01
N THR A 589 2.03 0.67 -10.98
CA THR A 589 0.79 1.04 -10.33
C THR A 589 -0.07 1.90 -11.25
N PRO A 590 -1.39 1.87 -11.08
CA PRO A 590 -2.24 2.81 -11.80
C PRO A 590 -1.97 4.24 -11.37
N LEU A 591 -2.20 5.18 -12.29
CA LEU A 591 -1.79 6.57 -12.12
C LEU A 591 -2.96 7.53 -11.96
N GLU A 592 -4.13 7.03 -11.58
CA GLU A 592 -5.29 7.91 -11.46
C GLU A 592 -5.09 8.96 -10.36
N GLU A 593 -4.70 8.51 -9.17
CA GLU A 593 -4.43 9.45 -8.09
C GLU A 593 -3.27 10.36 -8.46
N LEU A 594 -2.25 9.83 -9.13
CA LEU A 594 -1.13 10.65 -9.58
C LEU A 594 -1.59 11.71 -10.57
N CYS A 595 -2.47 11.34 -11.50
CA CYS A 595 -2.95 12.32 -12.48
C CYS A 595 -3.76 13.42 -11.80
N LEU A 596 -4.61 13.04 -10.84
CA LEU A 596 -5.36 14.05 -10.11
C LEU A 596 -4.44 14.98 -9.32
N GLN A 597 -3.40 14.42 -8.70
CA GLN A 597 -2.45 15.25 -7.98
C GLN A 597 -1.70 16.19 -8.92
N ILE A 598 -1.35 15.70 -10.10
CA ILE A 598 -0.69 16.55 -11.09
C ILE A 598 -1.59 17.71 -11.48
N LYS A 599 -2.87 17.43 -11.70
CA LYS A 599 -3.79 18.49 -12.08
C LYS A 599 -4.05 19.48 -10.95
N ILE A 600 -3.99 19.01 -9.69
CA ILE A 600 -4.28 19.91 -8.58
C ILE A 600 -3.10 20.80 -8.22
N LEU A 601 -1.89 20.45 -8.64
CA LEU A 601 -0.71 21.27 -8.36
C LEU A 601 -0.41 22.27 -9.47
N ARG A 602 -1.23 22.30 -10.52
CA ARG A 602 -1.04 23.19 -11.66
C ARG A 602 0.34 22.98 -12.28
N LEU A 603 0.69 21.71 -12.47
CA LEU A 603 1.98 21.31 -13.04
C LEU A 603 1.93 21.16 -14.55
N GLY A 604 1.03 21.85 -15.22
CA GLY A 604 0.91 21.71 -16.66
C GLY A 604 0.09 20.49 -17.04
N GLY A 605 0.27 20.06 -18.29
CA GLY A 605 -0.43 18.89 -18.77
C GLY A 605 0.02 17.62 -18.08
N ILE A 606 -0.90 16.65 -18.03
CA ILE A 606 -0.59 15.37 -17.38
C ILE A 606 0.47 14.63 -18.18
N ALA A 607 0.28 14.54 -19.49
CA ALA A 607 1.23 13.80 -20.33
C ALA A 607 2.62 14.43 -20.29
N HIS A 608 2.68 15.76 -20.33
CA HIS A 608 3.97 16.44 -20.32
C HIS A 608 4.72 16.17 -19.03
N PHE A 609 4.05 16.36 -17.90
CA PHE A 609 4.70 16.15 -16.61
C PHE A 609 5.11 14.70 -16.43
N LEU A 610 4.26 13.76 -16.84
CA LEU A 610 4.61 12.35 -16.71
C LEU A 610 5.78 11.98 -17.63
N SER A 611 5.88 12.61 -18.79
CA SER A 611 7.00 12.33 -19.68
C SER A 611 8.30 12.91 -19.12
N ARG A 612 8.22 14.06 -18.45
CA ARG A 612 9.42 14.66 -17.86
C ARG A 612 9.96 13.84 -16.70
N LEU A 613 9.19 12.90 -16.16
CA LEU A 613 9.66 12.05 -15.08
C LEU A 613 10.81 11.17 -15.57
N MET A 614 11.77 10.90 -14.68
CA MET A 614 12.76 9.88 -14.97
C MET A 614 12.11 8.51 -14.93
N ASP A 615 12.51 7.64 -15.86
CA ASP A 615 11.81 6.38 -16.10
C ASP A 615 10.33 6.66 -16.30
N PRO A 616 9.95 7.33 -17.39
CA PRO A 616 8.56 7.76 -17.54
C PRO A 616 7.65 6.57 -17.80
N PRO A 617 6.39 6.65 -17.40
CA PRO A 617 5.45 5.57 -17.70
C PRO A 617 5.07 5.55 -19.17
N SER A 618 4.63 4.39 -19.62
CA SER A 618 4.24 4.21 -21.01
C SER A 618 2.99 5.03 -21.33
N ASN A 619 2.84 5.36 -22.61
CA ASN A 619 1.71 6.18 -23.03
C ASN A 619 0.38 5.47 -22.83
N GLU A 620 0.37 4.14 -22.93
CA GLU A 620 -0.86 3.39 -22.73
C GLU A 620 -1.41 3.57 -21.33
N ALA A 621 -0.53 3.52 -20.32
CA ALA A 621 -0.98 3.69 -18.94
C ALA A 621 -1.55 5.09 -18.71
N VAL A 622 -0.90 6.12 -19.28
CA VAL A 622 -1.38 7.48 -19.11
C VAL A 622 -2.74 7.65 -19.79
N LEU A 623 -2.89 7.12 -21.00
CA LEU A 623 -4.16 7.21 -21.69
C LEU A 623 -5.26 6.49 -20.93
N LEU A 624 -4.95 5.31 -20.38
CA LEU A 624 -5.92 4.57 -19.60
C LEU A 624 -6.33 5.34 -18.35
N SER A 625 -5.36 5.97 -17.69
CA SER A 625 -5.68 6.76 -16.49
C SER A 625 -6.58 7.94 -16.83
N ILE A 626 -6.28 8.65 -17.92
CA ILE A 626 -7.10 9.79 -18.31
C ILE A 626 -8.49 9.33 -18.73
N LYS A 627 -8.58 8.21 -19.42
CA LYS A 627 -9.88 7.68 -19.83
C LYS A 627 -10.72 7.28 -18.62
N HIS A 628 -10.08 6.64 -17.63
CA HIS A 628 -10.80 6.30 -16.40
C HIS A 628 -11.26 7.56 -15.67
N LEU A 629 -10.42 8.60 -15.65
CA LEU A 629 -10.78 9.82 -14.96
C LEU A 629 -11.94 10.53 -15.65
N MET A 630 -11.94 10.54 -16.99
CA MET A 630 -13.04 11.18 -17.70
C MET A 630 -14.33 10.38 -17.60
N GLU A 631 -14.22 9.04 -17.60
CA GLU A 631 -15.40 8.21 -17.38
C GLU A 631 -15.96 8.43 -15.98
N LEU A 632 -15.09 8.65 -15.01
CA LEU A 632 -15.49 8.98 -13.65
C LEU A 632 -16.06 10.39 -13.55
N ASN A 633 -15.95 11.19 -14.62
CA ASN A 633 -16.39 12.58 -14.66
C ASN A 633 -15.59 13.45 -13.70
N ALA A 634 -14.35 13.04 -13.41
CA ALA A 634 -13.43 13.86 -12.65
C ALA A 634 -12.70 14.88 -13.52
N LEU A 635 -12.56 14.60 -14.81
CA LEU A 635 -11.97 15.53 -15.76
C LEU A 635 -12.94 15.70 -16.93
N ASP A 636 -13.02 16.91 -17.45
CA ASP A 636 -13.87 17.18 -18.61
C ASP A 636 -13.15 16.73 -19.87
N LYS A 637 -13.68 17.12 -21.03
CA LYS A 637 -13.07 16.73 -22.30
C LYS A 637 -11.67 17.32 -22.44
N GLN A 638 -11.49 18.58 -22.06
CA GLN A 638 -10.22 19.27 -22.27
C GLN A 638 -9.30 19.14 -21.05
N GLU A 639 -9.19 17.93 -20.52
CA GLU A 639 -8.27 17.59 -19.42
C GLU A 639 -8.21 18.67 -18.36
N GLU A 640 -9.38 19.14 -17.93
CA GLU A 640 -9.48 20.15 -16.90
C GLU A 640 -10.24 19.60 -15.71
N LEU A 641 -10.00 20.20 -14.54
CA LEU A 641 -10.56 19.69 -13.30
C LEU A 641 -12.04 20.04 -13.22
N THR A 642 -12.88 19.01 -13.34
CA THR A 642 -14.30 19.15 -13.06
C THR A 642 -14.49 19.46 -11.57
N PRO A 643 -15.54 20.22 -11.21
CA PRO A 643 -15.79 20.49 -9.78
C PRO A 643 -15.72 19.27 -8.88
N LEU A 644 -16.21 18.12 -9.36
CA LEU A 644 -16.01 16.88 -8.62
C LEU A 644 -14.52 16.51 -8.56
N GLY A 645 -13.80 16.74 -9.66
CA GLY A 645 -12.39 16.41 -9.69
C GLY A 645 -11.57 17.20 -8.70
N VAL A 646 -11.96 18.46 -8.44
CA VAL A 646 -11.25 19.26 -7.45
C VAL A 646 -11.33 18.62 -6.08
N HIS A 647 -12.53 18.22 -5.66
CA HIS A 647 -12.70 17.58 -4.38
C HIS A 647 -12.01 16.22 -4.34
N LEU A 648 -12.05 15.49 -5.46
CA LEU A 648 -11.37 14.20 -5.51
C LEU A 648 -9.86 14.36 -5.35
N ALA A 649 -9.28 15.39 -6.00
CA ALA A 649 -7.84 15.61 -5.91
C ALA A 649 -7.44 16.09 -4.53
N ARG A 650 -8.23 16.97 -3.93
CA ARG A 650 -7.89 17.47 -2.60
C ARG A 650 -8.10 16.42 -1.51
N LEU A 651 -8.74 15.30 -1.82
CA LEU A 651 -8.94 14.21 -0.86
C LEU A 651 -7.77 13.24 -0.94
N PRO A 652 -7.15 12.89 0.19
CA PRO A 652 -5.96 12.03 0.20
C PRO A 652 -6.28 10.53 0.08
N VAL A 653 -7.11 10.17 -0.88
CA VAL A 653 -7.48 8.79 -1.15
C VAL A 653 -7.53 8.59 -2.66
N GLU A 654 -7.84 7.36 -3.07
CA GLU A 654 -8.07 7.07 -4.47
C GLU A 654 -9.33 7.77 -4.95
N PRO A 655 -9.42 8.11 -6.24
CA PRO A 655 -10.59 8.86 -6.72
C PRO A 655 -11.92 8.16 -6.46
N HIS A 656 -11.97 6.84 -6.61
CA HIS A 656 -13.21 6.12 -6.33
C HIS A 656 -13.56 6.17 -4.84
N ILE A 657 -12.55 6.03 -3.98
CA ILE A 657 -12.79 6.14 -2.55
C ILE A 657 -13.25 7.56 -2.20
N GLY A 658 -12.69 8.57 -2.86
CA GLY A 658 -13.14 9.93 -2.62
C GLY A 658 -14.58 10.15 -3.06
N LYS A 659 -14.96 9.56 -4.20
CA LYS A 659 -16.35 9.64 -4.62
C LYS A 659 -17.27 8.97 -3.62
N MET A 660 -16.83 7.82 -3.08
CA MET A 660 -17.61 7.16 -2.04
C MET A 660 -17.76 8.05 -0.81
N ILE A 661 -16.69 8.73 -0.41
CA ILE A 661 -16.74 9.61 0.75
C ILE A 661 -17.71 10.76 0.50
N LEU A 662 -17.65 11.36 -0.70
CA LEU A 662 -18.56 12.46 -1.02
C LEU A 662 -20.00 11.99 -1.01
N PHE A 663 -20.27 10.81 -1.58
CA PHE A 663 -21.62 10.28 -1.60
C PHE A 663 -22.12 9.97 -0.19
N GLY A 664 -21.24 9.45 0.66
CA GLY A 664 -21.64 9.19 2.04
C GLY A 664 -21.96 10.47 2.80
N ALA A 665 -21.18 11.52 2.57
CA ALA A 665 -21.47 12.81 3.19
C ALA A 665 -22.77 13.38 2.65
N LEU A 666 -23.07 13.12 1.38
CA LEU A 666 -24.27 13.68 0.76
C LEU A 666 -25.52 12.93 1.21
N PHE A 667 -25.42 11.62 1.42
CA PHE A 667 -26.55 10.81 1.82
C PHE A 667 -26.64 10.61 3.33
N CYS A 668 -25.79 11.29 4.10
CA CYS A 668 -25.88 11.32 5.56
C CYS A 668 -25.72 9.92 6.17
N CYS A 669 -24.71 9.20 5.70
CA CYS A 669 -24.25 7.96 6.29
C CYS A 669 -22.74 8.02 6.50
N LEU A 670 -22.30 9.12 7.12
CA LEU A 670 -20.89 9.50 7.08
C LEU A 670 -20.00 8.49 7.78
N ASP A 671 -20.38 8.04 8.98
CA ASP A 671 -19.47 7.23 9.78
C ASP A 671 -19.13 5.89 9.15
N PRO A 672 -20.10 5.05 8.77
CA PRO A 672 -19.72 3.77 8.13
C PRO A 672 -18.97 3.94 6.83
N VAL A 673 -19.33 4.94 6.03
CA VAL A 673 -18.64 5.18 4.77
C VAL A 673 -17.19 5.60 5.02
N LEU A 674 -16.98 6.45 6.02
CA LEU A 674 -15.61 6.86 6.37
C LEU A 674 -14.80 5.67 6.86
N THR A 675 -15.41 4.81 7.68
CA THR A 675 -14.69 3.63 8.16
C THR A 675 -14.30 2.72 6.99
N ILE A 676 -15.24 2.48 6.07
CA ILE A 676 -14.95 1.64 4.92
C ILE A 676 -13.86 2.27 4.06
N ALA A 677 -13.93 3.58 3.86
CA ALA A 677 -12.93 4.27 3.04
C ALA A 677 -11.55 4.18 3.67
N ALA A 678 -11.47 4.38 4.98
CA ALA A 678 -10.18 4.26 5.67
C ALA A 678 -9.64 2.84 5.58
N SER A 679 -10.51 1.84 5.73
CA SER A 679 -10.06 0.45 5.60
C SER A 679 -9.56 0.16 4.19
N LEU A 680 -10.25 0.67 3.18
CA LEU A 680 -9.85 0.42 1.80
C LEU A 680 -8.54 1.13 1.48
N SER A 681 -8.33 2.32 2.03
CA SER A 681 -7.12 3.07 1.72
C SER A 681 -5.90 2.48 2.43
N PHE A 682 -6.04 2.09 3.69
CA PHE A 682 -4.89 1.60 4.47
C PHE A 682 -5.32 0.37 5.28
N LYS A 683 -5.19 -0.80 4.67
CA LYS A 683 -5.25 -2.09 5.36
C LYS A 683 -6.57 -2.36 6.09
N ASP A 684 -6.76 -3.60 6.52
CA ASP A 684 -7.88 -3.99 7.35
C ASP A 684 -7.40 -4.31 8.75
N PRO A 685 -8.21 -4.04 9.77
CA PRO A 685 -7.74 -4.23 11.15
C PRO A 685 -7.45 -5.68 11.49
N PHE A 686 -7.95 -6.64 10.73
CA PHE A 686 -7.74 -8.05 11.05
C PHE A 686 -6.28 -8.42 10.88
N VAL A 687 -5.74 -9.16 11.84
CA VAL A 687 -4.44 -9.81 11.74
C VAL A 687 -4.66 -11.29 11.97
N ILE A 688 -3.64 -12.08 11.65
CA ILE A 688 -3.71 -13.52 11.82
C ILE A 688 -2.45 -13.99 12.53
N PRO A 689 -2.55 -14.81 13.58
CA PRO A 689 -1.36 -15.45 14.14
C PRO A 689 -1.05 -16.80 13.50
N LEU A 690 0.18 -17.23 13.70
CA LEU A 690 0.62 -18.47 13.05
C LEU A 690 -0.04 -19.68 13.71
N GLY A 691 -0.47 -20.62 12.88
CA GLY A 691 -1.20 -21.78 13.34
C GLY A 691 -2.69 -21.53 13.44
N LYS A 692 -3.08 -20.57 14.26
CA LYS A 692 -4.49 -20.24 14.46
C LYS A 692 -4.98 -19.36 13.31
N GLU A 693 -5.06 -19.96 12.14
CA GLU A 693 -5.51 -19.27 10.94
C GLU A 693 -6.95 -19.57 10.57
N LYS A 694 -7.40 -20.83 10.73
CA LYS A 694 -8.80 -21.14 10.49
C LYS A 694 -9.69 -20.46 11.51
N VAL A 695 -9.23 -20.36 12.76
CA VAL A 695 -9.99 -19.65 13.78
C VAL A 695 -10.16 -18.19 13.39
N ALA A 696 -9.15 -17.62 12.75
CA ALA A 696 -9.25 -16.24 12.29
C ALA A 696 -10.39 -16.08 11.29
N ASP A 697 -10.50 -17.00 10.34
CA ASP A 697 -11.57 -16.93 9.35
C ASP A 697 -12.93 -17.17 9.99
N ALA A 698 -13.00 -18.09 10.96
CA ALA A 698 -14.27 -18.30 11.66
C ALA A 698 -14.71 -17.05 12.40
N ARG A 699 -13.78 -16.38 13.09
CA ARG A 699 -14.13 -15.14 13.78
C ARG A 699 -14.50 -14.04 12.80
N ARG A 700 -13.82 -13.99 11.64
CA ARG A 700 -14.16 -12.99 10.64
C ARG A 700 -15.58 -13.20 10.12
N LYS A 701 -15.95 -14.45 9.85
CA LYS A 701 -17.32 -14.73 9.40
C LYS A 701 -18.32 -14.46 10.51
N GLU A 702 -17.93 -14.65 11.76
CA GLU A 702 -18.82 -14.30 12.87
C GLU A 702 -19.06 -12.80 12.89
N LEU A 703 -18.01 -12.01 12.66
CA LEU A 703 -18.15 -10.56 12.68
C LEU A 703 -19.02 -10.04 11.54
N ALA A 704 -19.09 -10.75 10.43
CA ALA A 704 -19.87 -10.30 9.28
C ALA A 704 -21.37 -10.49 9.46
N LYS A 705 -21.79 -11.17 10.53
CA LYS A 705 -23.20 -11.42 10.80
C LYS A 705 -23.89 -12.05 9.59
N ASP A 706 -24.86 -11.35 9.01
CA ASP A 706 -25.57 -11.84 7.83
C ASP A 706 -25.54 -10.82 6.70
N THR A 707 -24.64 -9.84 6.76
CA THR A 707 -24.60 -8.80 5.74
C THR A 707 -24.02 -9.30 4.43
N LYS A 708 -23.37 -10.47 4.43
CA LYS A 708 -22.77 -11.04 3.23
C LYS A 708 -21.81 -10.06 2.56
N SER A 709 -21.04 -9.34 3.36
CA SER A 709 -20.12 -8.34 2.86
C SER A 709 -18.93 -8.22 3.79
N ASP A 710 -17.75 -8.06 3.20
CA ASP A 710 -16.52 -7.86 3.95
C ASP A 710 -16.22 -6.40 4.20
N HIS A 711 -17.03 -5.49 3.70
CA HIS A 711 -16.90 -4.08 4.04
C HIS A 711 -17.69 -3.73 5.30
N LEU A 712 -18.86 -4.34 5.48
CA LEU A 712 -19.64 -4.13 6.69
C LEU A 712 -19.08 -4.88 7.88
N THR A 713 -18.30 -5.94 7.67
CA THR A 713 -17.64 -6.59 8.79
C THR A 713 -16.56 -5.70 9.38
N VAL A 714 -15.92 -4.86 8.56
CA VAL A 714 -14.98 -3.88 9.08
C VAL A 714 -15.72 -2.86 9.96
N VAL A 715 -16.90 -2.45 9.52
CA VAL A 715 -17.72 -1.54 10.33
C VAL A 715 -18.11 -2.19 11.64
N ASN A 716 -18.50 -3.46 11.61
CA ASN A 716 -18.86 -4.17 12.84
C ASN A 716 -17.67 -4.28 13.79
N ALA A 717 -16.50 -4.62 13.25
CA ALA A 717 -15.31 -4.73 14.08
C ALA A 717 -14.94 -3.38 14.68
N PHE A 718 -15.03 -2.31 13.90
CA PHE A 718 -14.74 -0.98 14.43
C PHE A 718 -15.74 -0.59 15.51
N LYS A 719 -17.02 -0.91 15.31
CA LYS A 719 -18.01 -0.60 16.34
C LYS A 719 -17.72 -1.36 17.62
N GLY A 720 -17.38 -2.64 17.52
CA GLY A 720 -17.04 -3.40 18.70
C GLY A 720 -15.81 -2.88 19.40
N TRP A 721 -14.79 -2.49 18.63
CA TRP A 721 -13.57 -1.94 19.19
C TRP A 721 -13.85 -0.63 19.93
N GLU A 722 -14.67 0.24 19.35
CA GLU A 722 -15.04 1.47 20.02
C GLU A 722 -15.86 1.19 21.27
N LYS A 723 -16.74 0.18 21.21
CA LYS A 723 -17.53 -0.17 22.38
C LYS A 723 -16.66 -0.69 23.52
N ALA A 724 -15.60 -1.44 23.20
CA ALA A 724 -14.74 -1.99 24.24
C ALA A 724 -14.03 -0.90 25.03
N LYS A 725 -13.78 0.27 24.41
CA LYS A 725 -13.08 1.33 25.11
C LYS A 725 -13.86 1.83 26.31
N GLN A 726 -15.18 2.00 26.17
CA GLN A 726 -15.97 2.53 27.27
C GLN A 726 -15.99 1.59 28.47
N ARG A 727 -15.61 0.32 28.28
CA ARG A 727 -15.55 -0.64 29.36
C ARG A 727 -14.17 -0.74 29.99
N GLY A 728 -13.15 -0.13 29.39
CA GLY A 728 -11.81 -0.17 29.94
C GLY A 728 -10.76 -0.70 28.98
N PHE A 729 -9.48 -0.55 29.35
CA PHE A 729 -8.41 -1.01 28.48
C PHE A 729 -8.28 -2.52 28.47
N ARG A 730 -8.60 -3.18 29.59
CA ARG A 730 -8.52 -4.63 29.62
C ARG A 730 -9.50 -5.27 28.65
N TYR A 731 -10.73 -4.74 28.59
CA TYR A 731 -11.69 -5.22 27.61
C TYR A 731 -11.23 -4.92 26.19
N GLU A 732 -10.56 -3.80 25.99
CA GLU A 732 -10.01 -3.48 24.67
C GLU A 732 -9.01 -4.55 24.24
N LYS A 733 -8.07 -4.89 25.14
CA LYS A 733 -7.09 -5.91 24.80
C LYS A 733 -7.75 -7.26 24.57
N ASP A 734 -8.74 -7.61 25.39
CA ASP A 734 -9.43 -8.88 25.23
C ASP A 734 -10.15 -8.95 23.90
N TYR A 735 -10.83 -7.87 23.51
CA TYR A 735 -11.52 -7.86 22.22
C TYR A 735 -10.55 -7.96 21.07
N CYS A 736 -9.43 -7.23 21.13
CA CYS A 736 -8.47 -7.29 20.04
C CYS A 736 -7.81 -8.65 19.96
N TRP A 737 -7.67 -9.35 21.09
CA TRP A 737 -7.11 -10.69 21.09
C TRP A 737 -8.12 -11.76 20.68
N GLU A 738 -9.42 -11.48 20.84
CA GLU A 738 -10.43 -12.49 20.53
C GLU A 738 -10.68 -12.58 19.03
N TYR A 739 -10.91 -11.45 18.37
CA TYR A 739 -11.20 -11.42 16.94
C TYR A 739 -9.96 -11.21 16.10
N PHE A 740 -8.77 -11.20 16.72
CA PHE A 740 -7.50 -11.08 16.02
C PHE A 740 -7.41 -9.75 15.27
N LEU A 741 -7.57 -8.66 16.02
CA LEU A 741 -7.56 -7.32 15.48
C LEU A 741 -6.22 -6.64 15.76
N SER A 742 -6.00 -5.51 15.10
CA SER A 742 -4.82 -4.68 15.29
C SER A 742 -5.26 -3.35 15.87
N SER A 743 -4.88 -3.08 17.12
CA SER A 743 -5.27 -1.84 17.76
C SER A 743 -4.62 -0.63 17.09
N ASN A 744 -3.36 -0.77 16.67
CA ASN A 744 -2.68 0.33 15.99
C ASN A 744 -3.37 0.68 14.68
N THR A 745 -3.76 -0.34 13.91
CA THR A 745 -4.47 -0.10 12.66
C THR A 745 -5.81 0.56 12.90
N LEU A 746 -6.52 0.14 13.95
CA LEU A 746 -7.81 0.75 14.26
C LEU A 746 -7.65 2.21 14.66
N GLN A 747 -6.63 2.54 15.46
CA GLN A 747 -6.38 3.94 15.81
C GLN A 747 -6.03 4.75 14.57
N MET A 748 -5.23 4.19 13.67
CA MET A 748 -4.90 4.89 12.43
C MET A 748 -6.14 5.13 11.60
N LEU A 749 -7.03 4.14 11.50
CA LEU A 749 -8.27 4.32 10.75
C LEU A 749 -9.13 5.40 11.37
N HIS A 750 -9.19 5.46 12.71
CA HIS A 750 -9.93 6.51 13.38
C HIS A 750 -9.37 7.88 13.03
N ASN A 751 -8.05 8.02 13.02
CA ASN A 751 -7.43 9.29 12.67
C ASN A 751 -7.72 9.67 11.22
N MET A 752 -7.65 8.70 10.30
CA MET A 752 -7.98 8.98 8.91
C MET A 752 -9.43 9.42 8.76
N LYS A 753 -10.34 8.80 9.51
CA LYS A 753 -11.74 9.21 9.48
C LYS A 753 -11.89 10.66 9.93
N GLY A 754 -11.21 11.02 11.01
CA GLY A 754 -11.24 12.40 11.46
C GLY A 754 -10.71 13.37 10.41
N GLN A 755 -9.63 12.97 9.73
CA GLN A 755 -9.07 13.81 8.68
C GLN A 755 -10.05 14.01 7.53
N PHE A 756 -10.72 12.94 7.10
CA PHE A 756 -11.70 13.05 6.03
C PHE A 756 -12.85 13.96 6.45
N ALA A 757 -13.31 13.83 7.69
CA ALA A 757 -14.39 14.69 8.17
C ALA A 757 -13.96 16.16 8.17
N GLU A 758 -12.73 16.43 8.60
CA GLU A 758 -12.22 17.81 8.58
C GLU A 758 -12.19 18.35 7.15
N HIS A 759 -11.72 17.54 6.20
CA HIS A 759 -11.69 17.99 4.82
C HIS A 759 -13.10 18.26 4.28
N LEU A 760 -14.05 17.38 4.61
CA LEU A 760 -15.42 17.58 4.14
C LEU A 760 -16.02 18.84 4.73
N LEU A 761 -15.76 19.12 6.01
CA LEU A 761 -16.21 20.38 6.60
C LEU A 761 -15.59 21.55 5.87
N GLY A 762 -14.30 21.47 5.55
CA GLY A 762 -13.65 22.56 4.82
C GLY A 762 -14.28 22.81 3.46
N ALA A 763 -14.60 21.73 2.73
CA ALA A 763 -15.20 21.87 1.41
C ALA A 763 -16.66 22.31 1.48
N GLY A 764 -17.32 22.15 2.62
CA GLY A 764 -18.68 22.59 2.79
C GLY A 764 -19.75 21.52 2.63
N PHE A 765 -19.36 20.26 2.41
CA PHE A 765 -20.35 19.20 2.26
C PHE A 765 -21.12 18.99 3.56
N VAL A 766 -20.43 19.02 4.70
CA VAL A 766 -21.06 18.76 5.98
C VAL A 766 -20.89 20.00 6.85
N SER A 767 -21.75 20.11 7.86
CA SER A 767 -21.78 21.26 8.75
C SER A 767 -21.14 20.98 10.10
N SER A 768 -20.30 19.95 10.19
CA SER A 768 -19.64 19.62 11.44
C SER A 768 -18.33 18.91 11.14
N ARG A 769 -17.46 18.90 12.15
CA ARG A 769 -16.16 18.23 12.05
C ARG A 769 -16.18 16.81 12.60
N ASN A 770 -17.09 16.52 13.51
CA ASN A 770 -17.17 15.17 14.09
C ASN A 770 -17.86 14.23 13.12
N PRO A 771 -17.22 13.11 12.75
CA PRO A 771 -17.91 12.12 11.91
C PRO A 771 -19.13 11.50 12.57
N GLN A 772 -19.22 11.57 13.90
CA GLN A 772 -20.32 10.97 14.64
C GLN A 772 -21.49 11.93 14.86
N ASP A 773 -21.46 13.11 14.25
CA ASP A 773 -22.55 14.05 14.41
C ASP A 773 -23.82 13.48 13.80
N PRO A 774 -24.92 13.42 14.56
CA PRO A 774 -26.15 12.81 14.02
C PRO A 774 -26.69 13.51 12.78
N GLU A 775 -26.46 14.82 12.64
CA GLU A 775 -26.98 15.53 11.48
C GLU A 775 -26.38 14.99 10.19
N SER A 776 -25.18 14.43 10.24
CA SER A 776 -24.54 13.83 9.08
C SER A 776 -24.55 12.31 9.13
N ASN A 777 -25.31 11.72 10.05
CA ASN A 777 -25.37 10.27 10.21
C ASN A 777 -26.82 9.81 10.37
N ILE A 778 -27.72 10.40 9.59
CA ILE A 778 -29.13 10.02 9.67
C ILE A 778 -29.34 8.59 9.20
N ASN A 779 -28.69 8.21 8.10
CA ASN A 779 -28.84 6.88 7.51
C ASN A 779 -27.68 5.96 7.83
N SER A 780 -26.95 6.21 8.93
CA SER A 780 -25.79 5.40 9.24
C SER A 780 -26.16 4.00 9.73
N ASP A 781 -27.37 3.80 10.21
CA ASP A 781 -27.79 2.52 10.75
C ASP A 781 -28.44 1.62 9.70
N ASN A 782 -28.60 2.11 8.47
CA ASN A 782 -29.22 1.34 7.40
C ASN A 782 -28.13 0.75 6.52
N GLU A 783 -27.98 -0.57 6.57
CA GLU A 783 -26.94 -1.23 5.79
C GLU A 783 -27.21 -1.13 4.29
N LYS A 784 -28.48 -1.03 3.89
CA LYS A 784 -28.80 -0.93 2.47
C LYS A 784 -28.31 0.38 1.88
N ILE A 785 -28.47 1.49 2.62
CA ILE A 785 -27.97 2.78 2.14
C ILE A 785 -26.45 2.78 2.06
N ILE A 786 -25.79 2.16 3.04
CA ILE A 786 -24.34 2.06 3.01
C ILE A 786 -23.88 1.26 1.81
N LYS A 787 -24.57 0.15 1.52
CA LYS A 787 -24.23 -0.65 0.35
C LYS A 787 -24.46 0.13 -0.93
N ALA A 788 -25.53 0.92 -0.99
CA ALA A 788 -25.78 1.76 -2.15
C ALA A 788 -24.67 2.78 -2.34
N VAL A 789 -24.20 3.38 -1.25
CA VAL A 789 -23.11 4.36 -1.34
C VAL A 789 -21.82 3.69 -1.78
N ILE A 790 -21.56 2.47 -1.28
CA ILE A 790 -20.39 1.73 -1.73
C ILE A 790 -20.47 1.46 -3.22
N CYS A 791 -21.64 1.04 -3.70
CA CYS A 791 -21.83 0.83 -5.13
C CYS A 791 -21.62 2.13 -5.91
N ALA A 792 -22.06 3.25 -5.35
CA ALA A 792 -21.86 4.54 -6.01
C ALA A 792 -20.37 4.88 -6.11
N GLY A 793 -19.61 4.57 -5.07
CA GLY A 793 -18.19 4.83 -5.08
C GLY A 793 -17.45 4.02 -6.12
N LEU A 794 -17.36 2.71 -5.91
CA LEU A 794 -16.72 1.79 -6.85
C LEU A 794 -17.82 1.06 -7.62
N TYR A 795 -18.30 1.70 -8.68
CA TYR A 795 -19.34 1.06 -9.49
C TYR A 795 -18.80 0.08 -10.51
N PRO A 796 -17.87 0.46 -11.40
CA PRO A 796 -17.54 -0.43 -12.52
C PRO A 796 -17.01 -1.78 -12.09
N LYS A 797 -16.55 -1.91 -10.84
CA LYS A 797 -16.10 -3.18 -10.30
C LYS A 797 -17.33 -3.93 -9.78
N VAL A 798 -17.95 -4.70 -10.68
CA VAL A 798 -19.17 -5.46 -10.37
C VAL A 798 -18.97 -6.89 -10.87
N ALA A 799 -19.36 -7.86 -10.04
CA ALA A 799 -19.25 -9.27 -10.38
C ALA A 799 -20.62 -9.93 -10.32
N LYS A 800 -20.78 -10.99 -11.09
CA LYS A 800 -22.03 -11.73 -11.18
C LYS A 800 -21.87 -13.12 -10.60
N ILE A 801 -22.87 -13.56 -9.84
CA ILE A 801 -22.87 -14.88 -9.22
C ILE A 801 -23.85 -15.77 -9.97
N ARG A 802 -23.43 -17.00 -10.26
CA ARG A 802 -24.28 -18.00 -10.91
C ARG A 802 -24.35 -19.22 -9.99
N LEU A 803 -25.45 -19.33 -9.24
CA LEU A 803 -25.63 -20.43 -8.30
C LEU A 803 -25.93 -21.73 -9.03
N ASN A 804 -24.91 -22.59 -9.18
CA ASN A 804 -25.09 -23.86 -9.87
C ASN A 804 -25.53 -24.94 -8.90
N LEU A 805 -25.48 -26.20 -9.34
CA LEU A 805 -25.85 -27.33 -8.50
C LEU A 805 -25.06 -28.55 -8.94
N GLY A 806 -24.71 -29.41 -7.98
CA GLY A 806 -23.93 -30.60 -8.26
C GLY A 806 -24.64 -31.59 -9.17
N ARG A 809 -24.05 -30.17 -3.80
CA ARG A 809 -22.92 -29.42 -3.26
C ARG A 809 -23.24 -27.93 -3.18
N LYS A 810 -23.96 -27.43 -4.19
CA LYS A 810 -24.35 -26.03 -4.28
C LYS A 810 -23.14 -25.10 -4.20
N MET A 811 -22.27 -25.16 -5.20
CA MET A 811 -21.13 -24.26 -5.32
C MET A 811 -21.57 -22.95 -5.96
N VAL A 812 -20.71 -21.93 -5.86
CA VAL A 812 -21.00 -20.64 -6.46
C VAL A 812 -19.88 -20.26 -7.42
N LYS A 813 -20.26 -19.81 -8.61
CA LYS A 813 -19.32 -19.33 -9.61
C LYS A 813 -19.52 -17.83 -9.82
N VAL A 814 -18.42 -17.08 -9.80
CA VAL A 814 -18.47 -15.63 -9.89
C VAL A 814 -17.83 -15.21 -11.20
N TYR A 815 -18.54 -14.37 -11.96
CA TYR A 815 -18.09 -13.91 -13.26
C TYR A 815 -17.92 -12.40 -13.24
N THR A 816 -16.99 -11.90 -14.05
CA THR A 816 -16.78 -10.47 -14.23
C THR A 816 -16.83 -10.16 -15.72
N LYS A 817 -17.29 -8.96 -16.06
CA LYS A 817 -17.50 -8.61 -17.45
C LYS A 817 -16.20 -8.65 -18.24
N THR A 818 -15.11 -8.14 -17.67
CA THR A 818 -13.84 -8.05 -18.37
C THR A 818 -12.86 -9.15 -18.00
N ASP A 819 -12.84 -9.60 -16.75
CA ASP A 819 -11.87 -10.58 -16.30
C ASP A 819 -12.32 -12.02 -16.51
N GLY A 820 -13.54 -12.24 -16.98
CA GLY A 820 -14.02 -13.61 -17.12
C GLY A 820 -14.29 -14.24 -15.78
N VAL A 821 -14.11 -15.57 -15.72
CA VAL A 821 -14.37 -16.29 -14.47
C VAL A 821 -13.31 -15.92 -13.44
N VAL A 822 -13.76 -15.50 -12.26
CA VAL A 822 -12.88 -15.13 -11.17
C VAL A 822 -13.32 -15.91 -9.93
N ALA A 823 -12.60 -15.69 -8.83
CA ALA A 823 -12.86 -16.41 -7.59
C ALA A 823 -12.83 -15.43 -6.43
N ILE A 824 -13.47 -15.83 -5.33
CA ILE A 824 -13.44 -15.07 -4.09
C ILE A 824 -12.32 -15.62 -3.23
N HIS A 825 -11.50 -14.73 -2.70
CA HIS A 825 -10.34 -15.15 -1.91
C HIS A 825 -10.81 -15.84 -0.63
N PRO A 826 -10.06 -16.85 -0.16
CA PRO A 826 -10.44 -17.51 1.09
C PRO A 826 -10.47 -16.58 2.29
N LYS A 827 -9.70 -15.49 2.27
CA LYS A 827 -9.75 -14.53 3.36
C LYS A 827 -11.09 -13.82 3.44
N SER A 828 -11.85 -13.80 2.35
CA SER A 828 -13.14 -13.12 2.35
C SER A 828 -14.17 -13.90 3.15
N VAL A 829 -15.20 -13.19 3.60
CA VAL A 829 -16.26 -13.82 4.40
C VAL A 829 -17.32 -14.50 3.54
N ASN A 830 -17.20 -14.42 2.22
CA ASN A 830 -18.18 -15.02 1.32
C ASN A 830 -17.59 -16.19 0.52
N VAL A 831 -16.50 -16.77 0.99
CA VAL A 831 -15.84 -17.81 0.21
C VAL A 831 -16.59 -19.14 0.31
N GLU A 832 -17.35 -19.35 1.37
CA GLU A 832 -18.13 -20.57 1.54
C GLU A 832 -19.60 -20.26 1.76
N GLN A 833 -20.06 -19.11 1.30
CA GLN A 833 -21.43 -18.67 1.46
C GLN A 833 -22.22 -18.97 0.19
N THR A 834 -23.42 -19.53 0.35
CA THR A 834 -24.24 -19.90 -0.78
C THR A 834 -25.61 -19.24 -0.79
N GLU A 835 -26.13 -18.81 0.37
CA GLU A 835 -27.44 -18.15 0.44
C GLU A 835 -27.25 -16.68 0.10
N PHE A 836 -27.20 -16.39 -1.19
CA PHE A 836 -27.07 -15.03 -1.70
C PHE A 836 -28.45 -14.52 -2.11
N ASN A 837 -28.90 -13.45 -1.47
CA ASN A 837 -30.19 -12.86 -1.84
C ASN A 837 -30.14 -12.30 -3.25
N TYR A 838 -29.07 -11.60 -3.60
CA TYR A 838 -28.89 -11.00 -4.91
C TYR A 838 -27.67 -11.62 -5.58
N ASN A 839 -27.65 -11.58 -6.91
CA ASN A 839 -26.60 -12.21 -7.70
C ASN A 839 -25.57 -11.20 -8.20
N TRP A 840 -25.28 -10.17 -7.41
CA TRP A 840 -24.30 -9.16 -7.80
C TRP A 840 -23.41 -8.82 -6.62
N LEU A 841 -22.10 -8.79 -6.87
CA LEU A 841 -21.13 -8.40 -5.86
C LEU A 841 -20.41 -7.13 -6.30
N ILE A 842 -20.00 -6.35 -5.32
CA ILE A 842 -19.16 -5.18 -5.52
C ILE A 842 -17.82 -5.45 -4.84
N TYR A 843 -16.74 -5.04 -5.50
CA TYR A 843 -15.40 -5.31 -4.99
C TYR A 843 -14.51 -4.10 -5.19
N HIS A 844 -13.45 -4.02 -4.39
CA HIS A 844 -12.47 -2.95 -4.50
C HIS A 844 -11.11 -3.45 -4.97
N LEU A 845 -10.63 -4.55 -4.43
CA LEU A 845 -9.33 -5.10 -4.77
C LEU A 845 -9.51 -6.39 -5.55
N LYS A 846 -8.95 -6.43 -6.76
CA LYS A 846 -8.94 -7.62 -7.59
C LYS A 846 -7.52 -7.86 -8.07
N MET A 847 -6.95 -9.01 -7.73
CA MET A 847 -5.57 -9.30 -8.08
C MET A 847 -5.45 -10.71 -8.60
N ARG A 848 -4.46 -10.92 -9.45
CA ARG A 848 -4.20 -12.23 -10.06
C ARG A 848 -2.88 -12.75 -9.51
N THR A 849 -2.96 -13.76 -8.65
CA THR A 849 -1.77 -14.42 -8.11
C THR A 849 -1.55 -15.78 -8.75
N SER A 850 -2.54 -16.66 -8.66
CA SER A 850 -2.60 -17.90 -9.42
C SER A 850 -3.89 -18.01 -10.21
N SER A 851 -5.00 -17.56 -9.63
CA SER A 851 -6.24 -17.31 -10.34
C SER A 851 -6.77 -15.97 -9.88
N ILE A 852 -7.60 -15.34 -10.71
CA ILE A 852 -8.08 -14.00 -10.38
C ILE A 852 -8.95 -14.07 -9.13
N TYR A 853 -8.57 -13.31 -8.11
CA TYR A 853 -9.22 -13.33 -6.82
C TYR A 853 -9.80 -11.97 -6.49
N LEU A 854 -11.00 -11.96 -5.91
CA LEU A 854 -11.60 -10.75 -5.35
C LEU A 854 -11.36 -10.77 -3.84
N TYR A 855 -10.48 -9.88 -3.37
CA TYR A 855 -10.05 -9.94 -1.98
C TYR A 855 -11.13 -9.46 -1.02
N ASP A 856 -11.93 -8.47 -1.41
CA ASP A 856 -13.07 -8.03 -0.62
C ASP A 856 -14.27 -7.92 -1.54
N CYS A 857 -15.41 -8.44 -1.09
CA CYS A 857 -16.64 -8.43 -1.88
C CYS A 857 -17.80 -7.99 -1.02
N THR A 858 -18.85 -7.50 -1.67
CA THR A 858 -20.06 -7.06 -0.99
C THR A 858 -21.25 -7.34 -1.88
N GLU A 859 -22.19 -8.14 -1.39
CA GLU A 859 -23.43 -8.38 -2.12
C GLU A 859 -24.23 -7.09 -2.22
N VAL A 860 -24.68 -6.78 -3.42
CA VAL A 860 -25.37 -5.52 -3.68
C VAL A 860 -26.71 -5.80 -4.36
N SER A 861 -27.61 -4.87 -4.19
CA SER A 861 -29.01 -4.99 -4.58
C SER A 861 -29.29 -4.24 -5.86
N PRO A 862 -30.36 -4.62 -6.59
CA PRO A 862 -30.58 -4.05 -7.93
C PRO A 862 -30.71 -2.54 -7.98
N TYR A 863 -31.39 -1.93 -7.00
CA TYR A 863 -31.62 -0.48 -7.10
C TYR A 863 -30.34 0.31 -6.88
N CYS A 864 -29.38 -0.25 -6.15
CA CYS A 864 -28.08 0.41 -6.02
C CYS A 864 -27.42 0.56 -7.38
N LEU A 865 -27.39 -0.52 -8.16
CA LEU A 865 -26.83 -0.42 -9.50
C LEU A 865 -27.70 0.41 -10.42
N LEU A 866 -29.01 0.41 -10.21
CA LEU A 866 -29.90 1.17 -11.07
C LEU A 866 -29.68 2.67 -10.91
N PHE A 867 -29.61 3.15 -9.67
CA PHE A 867 -29.49 4.58 -9.41
C PHE A 867 -28.06 5.06 -9.25
N PHE A 868 -27.07 4.17 -9.20
CA PHE A 868 -25.70 4.61 -9.05
C PHE A 868 -24.77 3.84 -9.97
N GLY A 869 -25.28 3.41 -11.12
CA GLY A 869 -24.47 2.66 -12.06
C GLY A 869 -24.29 3.36 -13.38
N GLY A 870 -24.24 2.59 -14.47
CA GLY A 870 -24.06 3.12 -15.80
C GLY A 870 -25.36 3.55 -16.44
N ASP A 871 -25.34 3.58 -17.76
CA ASP A 871 -26.51 3.97 -18.52
C ASP A 871 -27.63 2.95 -18.36
N ILE A 872 -28.86 3.42 -18.42
CA ILE A 872 -30.06 2.60 -18.25
C ILE A 872 -30.75 2.47 -19.59
N SER A 873 -31.14 1.24 -19.94
CA SER A 873 -31.89 0.97 -21.15
C SER A 873 -33.09 0.10 -20.82
N ILE A 874 -34.12 0.19 -21.66
CA ILE A 874 -35.35 -0.57 -21.48
C ILE A 874 -35.58 -1.34 -22.77
N GLN A 875 -35.17 -2.60 -22.80
CA GLN A 875 -35.39 -3.47 -23.95
C GLN A 875 -36.41 -4.52 -23.59
N LYS A 876 -36.58 -5.46 -24.52
CA LYS A 876 -37.54 -6.56 -24.30
C LYS A 876 -36.98 -7.80 -24.99
N ASP A 877 -36.50 -8.79 -24.22
CA ASP A 877 -36.00 -10.07 -24.78
C ASP A 877 -37.14 -11.05 -24.91
N ASN A 878 -37.48 -11.44 -26.14
CA ASN A 878 -38.54 -12.43 -26.33
C ASN A 878 -39.74 -12.02 -25.50
N ASP A 879 -39.96 -12.71 -24.40
CA ASP A 879 -41.19 -12.35 -23.67
C ASP A 879 -40.85 -11.37 -22.58
N GLN A 880 -39.73 -11.58 -21.92
CA GLN A 880 -39.39 -10.85 -20.71
C GLN A 880 -39.21 -9.37 -21.01
N GLU A 881 -39.80 -8.53 -20.16
CA GLU A 881 -39.57 -7.09 -20.19
C GLU A 881 -38.47 -6.77 -19.19
N THR A 882 -37.38 -6.18 -19.67
CA THR A 882 -36.17 -6.04 -18.88
C THR A 882 -35.67 -4.61 -18.88
N ILE A 883 -34.99 -4.24 -17.78
CA ILE A 883 -34.26 -2.99 -17.66
C ILE A 883 -32.82 -3.33 -17.31
N ALA A 884 -31.88 -2.80 -18.10
CA ALA A 884 -30.49 -3.20 -18.00
C ALA A 884 -29.60 -1.99 -17.71
N VAL A 885 -28.53 -2.24 -16.96
CA VAL A 885 -27.52 -1.23 -16.66
C VAL A 885 -26.22 -1.67 -17.30
N ASP A 886 -25.64 -0.82 -18.14
CA ASP A 886 -24.40 -1.11 -18.85
C ASP A 886 -24.53 -2.32 -19.77
N GLU A 887 -25.75 -2.59 -20.23
CA GLU A 887 -26.08 -3.63 -21.20
C GLU A 887 -25.72 -5.04 -20.73
N TRP A 888 -25.28 -5.22 -19.49
CA TRP A 888 -24.99 -6.54 -18.99
C TRP A 888 -25.50 -6.80 -17.58
N ILE A 889 -25.93 -5.77 -16.85
CA ILE A 889 -26.57 -5.94 -15.54
C ILE A 889 -28.07 -5.82 -15.80
N ILE A 890 -28.71 -6.95 -16.06
CA ILE A 890 -30.09 -6.99 -16.51
C ILE A 890 -31.00 -7.33 -15.34
N PHE A 891 -32.16 -6.67 -15.30
CA PHE A 891 -33.19 -6.95 -14.31
C PHE A 891 -34.53 -7.06 -15.02
N GLN A 892 -35.48 -7.71 -14.36
CA GLN A 892 -36.83 -7.86 -14.89
C GLN A 892 -37.72 -6.76 -14.35
N SER A 893 -38.42 -6.07 -15.24
CA SER A 893 -39.37 -5.04 -14.85
C SER A 893 -40.29 -4.66 -16.00
N PRO A 894 -41.53 -4.28 -15.71
CA PRO A 894 -42.41 -3.78 -16.76
C PRO A 894 -41.88 -2.48 -17.33
N ALA A 895 -42.36 -2.14 -18.53
CA ALA A 895 -41.85 -0.98 -19.24
C ALA A 895 -42.11 0.31 -18.47
N ARG A 896 -43.28 0.44 -17.87
CA ARG A 896 -43.64 1.68 -17.17
C ARG A 896 -42.73 1.90 -15.96
N ILE A 897 -42.53 0.86 -15.15
CA ILE A 897 -41.67 0.98 -13.98
C ILE A 897 -40.24 1.30 -14.39
N ALA A 898 -39.75 0.62 -15.45
CA ALA A 898 -38.40 0.86 -15.91
C ALA A 898 -38.22 2.28 -16.41
N HIS A 899 -39.20 2.79 -17.16
CA HIS A 899 -39.12 4.16 -17.65
C HIS A 899 -39.14 5.17 -16.51
N LEU A 900 -39.98 4.94 -15.50
CA LEU A 900 -39.98 5.82 -14.34
C LEU A 900 -38.64 5.79 -13.62
N VAL A 901 -38.05 4.60 -13.49
CA VAL A 901 -36.73 4.47 -12.87
C VAL A 901 -35.69 5.24 -13.67
N LYS A 902 -35.73 5.14 -15.01
CA LYS A 902 -34.77 5.83 -15.84
C LYS A 902 -34.89 7.35 -15.71
N GLU A 903 -36.12 7.87 -15.72
CA GLU A 903 -36.31 9.30 -15.56
C GLU A 903 -35.86 9.77 -14.18
N LEU A 904 -36.15 8.98 -13.14
CA LEU A 904 -35.68 9.30 -11.81
C LEU A 904 -34.15 9.31 -11.74
N ARG A 905 -33.51 8.37 -12.42
CA ARG A 905 -32.05 8.33 -12.45
C ARG A 905 -31.48 9.57 -13.11
N LYS A 906 -32.07 10.01 -14.22
CA LYS A 906 -31.61 11.24 -14.86
C LYS A 906 -31.76 12.43 -13.94
N GLU A 907 -32.91 12.52 -13.26
CA GLU A 907 -33.13 13.63 -12.33
C GLU A 907 -32.10 13.62 -11.20
N LEU A 908 -31.81 12.44 -10.65
CA LEU A 908 -30.80 12.35 -9.61
C LEU A 908 -29.41 12.69 -10.13
N ASP A 909 -29.08 12.31 -11.36
CA ASP A 909 -27.79 12.70 -11.92
C ASP A 909 -27.66 14.21 -11.97
N ILE A 910 -28.71 14.90 -12.43
CA ILE A 910 -28.67 16.36 -12.49
C ILE A 910 -28.53 16.94 -11.09
N LEU A 911 -29.31 16.42 -10.14
CA LEU A 911 -29.27 16.93 -8.77
C LEU A 911 -27.90 16.71 -8.14
N LEU A 912 -27.28 15.56 -8.42
CA LEU A 912 -25.97 15.26 -7.88
C LEU A 912 -24.91 16.19 -8.44
N GLN A 913 -24.97 16.47 -9.75
CA GLN A 913 -24.04 17.42 -10.34
C GLN A 913 -24.21 18.80 -9.70
N GLU A 914 -25.47 19.22 -9.50
CA GLU A 914 -25.73 20.49 -8.83
C GLU A 914 -25.11 20.50 -7.43
N LYS A 915 -25.40 19.48 -6.63
CA LYS A 915 -24.95 19.44 -5.25
C LYS A 915 -23.43 19.42 -5.15
N ILE A 916 -22.76 18.68 -6.02
CA ILE A 916 -21.30 18.66 -6.00
C ILE A 916 -20.74 20.01 -6.45
N GLU A 917 -21.36 20.63 -7.45
CA GLU A 917 -20.86 21.91 -7.95
C GLU A 917 -20.90 22.99 -6.88
N SER A 918 -21.98 23.06 -6.11
CA SER A 918 -22.12 24.01 -5.02
C SER A 918 -22.43 23.22 -3.75
N PRO A 919 -21.42 22.77 -3.02
CA PRO A 919 -21.67 21.92 -1.85
C PRO A 919 -22.47 22.64 -0.79
N HIS A 920 -23.40 21.89 -0.18
CA HIS A 920 -24.25 22.41 0.88
C HIS A 920 -24.96 21.25 1.56
N PRO A 921 -25.08 21.24 2.89
CA PRO A 921 -25.84 20.17 3.55
C PRO A 921 -27.28 20.15 3.08
N VAL A 922 -27.81 18.94 2.91
CA VAL A 922 -29.16 18.77 2.39
C VAL A 922 -30.15 18.98 3.51
N ASP A 923 -31.14 19.85 3.29
CA ASP A 923 -32.21 20.11 4.24
C ASP A 923 -33.42 19.27 3.83
N TRP A 924 -33.87 18.42 4.74
CA TRP A 924 -34.92 17.45 4.41
C TRP A 924 -36.32 17.98 4.72
N LYS A 925 -36.66 19.16 4.18
CA LYS A 925 -38.00 19.73 4.35
C LYS A 925 -38.56 20.11 2.97
N ASP A 926 -39.06 19.11 2.26
CA ASP A 926 -39.99 19.25 1.12
C ASP A 926 -39.72 20.49 0.25
N THR A 927 -38.45 20.70 -0.09
CA THR A 927 -38.12 21.78 -1.01
C THR A 927 -37.53 21.26 -2.32
N LYS A 928 -36.40 20.56 -2.28
CA LYS A 928 -35.89 19.85 -3.43
C LYS A 928 -35.20 18.54 -3.06
N SER A 929 -35.23 18.15 -1.78
CA SER A 929 -34.67 16.87 -1.35
C SER A 929 -35.61 15.70 -1.64
N ARG A 930 -36.75 15.95 -2.28
CA ARG A 930 -37.67 14.87 -2.60
C ARG A 930 -37.02 13.86 -3.54
N ASP A 931 -36.19 14.34 -4.46
CA ASP A 931 -35.51 13.45 -5.41
C ASP A 931 -34.63 12.44 -4.67
N CYS A 932 -33.84 12.91 -3.71
CA CYS A 932 -33.00 12.00 -2.94
C CYS A 932 -33.82 11.18 -1.94
N ALA A 933 -34.85 11.80 -1.37
CA ALA A 933 -35.66 11.11 -0.37
C ALA A 933 -36.38 9.91 -0.95
N VAL A 934 -36.88 10.03 -2.19
CA VAL A 934 -37.61 8.91 -2.77
C VAL A 934 -36.68 7.74 -3.10
N LEU A 935 -35.45 8.01 -3.54
CA LEU A 935 -34.52 6.91 -3.76
C LEU A 935 -34.10 6.28 -2.44
N SER A 936 -33.93 7.10 -1.40
CA SER A 936 -33.65 6.53 -0.08
C SER A 936 -34.78 5.62 0.37
N ALA A 937 -36.03 6.06 0.19
CA ALA A 937 -37.16 5.24 0.57
C ALA A 937 -37.23 3.96 -0.27
N ILE A 938 -36.95 4.07 -1.57
CA ILE A 938 -36.98 2.90 -2.44
C ILE A 938 -35.96 1.87 -1.98
N ILE A 939 -34.72 2.29 -1.76
CA ILE A 939 -33.67 1.36 -1.33
C ILE A 939 -34.00 0.80 0.05
N ASP A 940 -34.57 1.62 0.93
CA ASP A 940 -34.87 1.17 2.28
C ASP A 940 -35.96 0.10 2.28
N LEU A 941 -37.04 0.32 1.54
CA LEU A 941 -38.26 -0.47 1.72
C LEU A 941 -38.58 -1.40 0.57
N ILE A 942 -38.44 -0.95 -0.68
CA ILE A 942 -38.99 -1.71 -1.81
C ILE A 942 -38.34 -3.07 -1.92
N LYS A 943 -37.02 -3.13 -1.75
CA LYS A 943 -36.27 -4.36 -1.93
C LYS A 943 -36.36 -5.23 -0.68
N THR A 944 -36.84 -6.45 -0.83
CA THR A 944 -36.89 -7.39 0.27
C THR A 944 -36.07 -8.65 0.01
N GLN A 945 -36.24 -9.28 -1.15
CA GLN A 945 -35.52 -10.50 -1.49
C GLN A 945 -35.59 -10.69 -3.01
N GLU A 946 -35.20 -11.86 -3.47
CA GLU A 946 -35.26 -12.17 -4.90
C GLU A 946 -36.44 -13.07 -5.21
#